data_6HAT
#
_entry.id   6HAT
#
_cell.length_a   58.108
_cell.length_b   118.652
_cell.length_c   130.702
_cell.angle_alpha   90.00
_cell.angle_beta   90.00
_cell.angle_gamma   90.00
#
_symmetry.space_group_name_H-M   'P 21 21 21'
#
loop_
_entity.id
_entity.type
_entity.pdbx_description
1 polymer 'mRNA export factor ICP27 homolog'
2 non-polymer 'ZINC ION'
3 non-polymer 'ACETATE ION'
4 water water
#
_entity_poly.entity_id   1
_entity_poly.type   'polypeptide(L)'
_entity_poly.pdbx_seq_one_letter_code
;GPLLKLFDISILPKSGEPKLFLPVPSLPCQEAEKTNDKYVLA(MSE)AQRA(MSE)HDVPISSKQLTANLLPVKFKPLLS
IVRYTPNYYYWVS(MSE)RKETIASANLCTVAAFLDESLCWGQQYLKNDFIFSENGKDIILDTSSALLSQLVHKIK
(MSE)LPFCHCL(MSE)QTTPQDHIVKQVCYLIASNNRILDAVRYLQTSVIKSPIVLLLAYAVCLPAAIICTKNETQLYS
HC(MSE)RILKEYRPGDV(MSE)NILHESLTQHLNKCPSSTCAYTTRAIVGTKANTTGLFFLPTQ
;
_entity_poly.pdbx_strand_id   A,B
#
loop_
_chem_comp.id
_chem_comp.type
_chem_comp.name
_chem_comp.formula
ACT non-polymer 'ACETATE ION' 'C2 H3 O2 -1'
ZN non-polymer 'ZINC ION' 'Zn 2'
#
# COMPACT_ATOMS: atom_id res chain seq x y z
N LEU A 3 26.47 -23.63 -14.87
CA LEU A 3 25.35 -23.16 -14.06
C LEU A 3 25.78 -22.05 -13.10
N LEU A 4 25.18 -20.86 -13.28
CA LEU A 4 25.59 -19.67 -12.55
C LEU A 4 25.33 -19.82 -11.04
N LYS A 5 26.33 -19.46 -10.24
CA LYS A 5 26.15 -19.36 -8.79
C LYS A 5 24.96 -18.47 -8.47
N LEU A 6 24.23 -18.81 -7.41
CA LEU A 6 22.99 -18.09 -7.20
C LEU A 6 23.24 -16.69 -6.64
N PHE A 7 24.02 -16.61 -5.55
CA PHE A 7 24.28 -15.29 -4.98
C PHE A 7 25.61 -15.33 -4.26
N ASP A 8 26.17 -14.14 -4.08
CA ASP A 8 27.42 -14.02 -3.30
C ASP A 8 27.08 -14.21 -1.83
N ILE A 9 27.66 -15.23 -1.20
CA ILE A 9 27.33 -15.53 0.19
C ILE A 9 27.63 -14.35 1.13
N SER A 10 28.52 -13.44 0.76
CA SER A 10 28.83 -12.29 1.61
C SER A 10 27.68 -11.31 1.76
N ILE A 11 26.63 -11.36 0.92
CA ILE A 11 25.53 -10.44 1.14
C ILE A 11 24.66 -10.88 2.30
N LEU A 12 24.83 -12.08 2.82
CA LEU A 12 23.95 -12.52 3.93
C LEU A 12 24.49 -12.02 5.26
N PRO A 13 23.66 -11.55 6.18
CA PRO A 13 24.18 -11.02 7.45
C PRO A 13 24.65 -12.14 8.36
N LYS A 14 25.57 -11.76 9.25
CA LYS A 14 26.04 -12.68 10.27
C LYS A 14 24.84 -13.15 11.08
N SER A 15 24.76 -14.46 11.31
CA SER A 15 23.69 -14.94 12.18
C SER A 15 23.97 -14.49 13.63
N GLY A 16 22.96 -13.91 14.24
CA GLY A 16 23.06 -13.38 15.58
C GLY A 16 21.77 -13.58 16.34
N GLU A 17 21.25 -12.54 16.85
CA GLU A 17 20.00 -12.58 17.60
C GLU A 17 18.81 -12.73 16.67
N PRO A 18 17.74 -13.42 17.11
CA PRO A 18 16.47 -13.38 16.37
C PRO A 18 15.94 -11.98 16.31
N LYS A 19 15.52 -11.56 15.13
CA LYS A 19 15.10 -10.18 14.92
C LYS A 19 13.59 -10.10 14.98
N LEU A 20 13.09 -9.33 15.96
CA LEU A 20 11.66 -9.16 16.18
C LEU A 20 11.18 -7.74 15.88
N PHE A 21 12.04 -6.89 15.31
CA PHE A 21 11.65 -5.52 15.00
C PHE A 21 12.64 -5.02 13.94
N LEU A 22 12.25 -3.97 13.24
CA LEU A 22 13.18 -3.31 12.28
C LEU A 22 13.56 -1.94 12.84
N PRO A 23 14.83 -1.53 12.73
CA PRO A 23 15.30 -0.30 13.40
C PRO A 23 14.84 0.95 12.70
N VAL A 24 14.42 1.91 13.52
CA VAL A 24 14.19 3.29 13.14
C VAL A 24 14.69 4.13 14.31
N PRO A 25 15.27 5.28 14.06
CA PRO A 25 15.73 6.13 15.14
C PRO A 25 14.54 6.77 15.87
N SER A 26 14.75 7.13 17.13
CA SER A 26 13.69 7.77 17.91
C SER A 26 13.57 9.22 17.48
N LEU A 27 12.35 9.75 17.56
CA LEU A 27 12.10 11.17 17.26
C LEU A 27 12.61 12.06 18.36
N PRO A 28 13.10 13.26 18.04
CA PRO A 28 13.40 14.24 19.10
C PRO A 28 12.11 14.74 19.73
N CYS A 29 12.29 15.45 20.84
CA CYS A 29 11.18 16.18 21.44
C CYS A 29 10.64 17.21 20.44
N GLN A 30 9.31 17.27 20.30
CA GLN A 30 8.73 18.26 19.40
C GLN A 30 8.72 19.63 20.08
N GLU A 31 8.81 20.69 19.27
CA GLU A 31 8.68 22.06 19.75
C GLU A 31 7.22 22.47 19.82
N ALA A 32 6.96 23.50 20.62
CA ALA A 32 5.61 24.03 20.75
C ALA A 32 5.15 24.56 19.39
N GLU A 33 3.88 24.32 19.06
CA GLU A 33 3.37 24.90 17.82
C GLU A 33 3.26 26.42 17.99
N LYS A 34 3.33 27.15 16.88
CA LYS A 34 3.38 28.62 16.91
C LYS A 34 1.97 29.21 16.79
N THR A 35 1.17 28.95 17.81
CA THR A 35 -0.21 29.42 17.85
C THR A 35 -0.73 29.27 19.27
N ASN A 36 -1.55 30.22 19.68
CA ASN A 36 -2.29 30.13 20.93
C ASN A 36 -3.76 29.84 20.70
N ASP A 37 -4.18 29.70 19.44
CA ASP A 37 -5.58 29.50 19.10
C ASP A 37 -6.04 28.15 19.64
N LYS A 38 -7.02 28.18 20.55
CA LYS A 38 -7.46 26.95 21.19
C LYS A 38 -8.05 25.95 20.20
N TYR A 39 -8.80 26.43 19.20
CA TYR A 39 -9.38 25.53 18.21
C TYR A 39 -8.29 24.81 17.44
N VAL A 40 -7.25 25.53 17.03
CA VAL A 40 -6.20 24.93 16.21
C VAL A 40 -5.40 23.94 17.02
N LEU A 41 -5.14 24.26 18.28
CA LEU A 41 -4.39 23.35 19.13
C LEU A 41 -5.20 22.10 19.42
N ALA A 42 -6.50 22.25 19.65
CA ALA A 42 -7.36 21.08 19.77
C ALA A 42 -7.35 20.25 18.50
N MSE A 43 -7.34 20.91 17.33
N MSE A 43 -7.37 20.91 17.34
CA MSE A 43 -7.37 20.17 16.07
CA MSE A 43 -7.35 20.20 16.07
C MSE A 43 -6.08 19.37 15.89
C MSE A 43 -6.09 19.36 15.94
O MSE A 43 -6.09 18.25 15.36
O MSE A 43 -6.13 18.20 15.50
CB MSE A 43 -7.55 21.11 14.88
CB MSE A 43 -7.44 21.18 14.90
CG MSE A 43 -7.47 20.38 13.54
CG MSE A 43 -8.82 21.77 14.71
SE MSE A 43 -8.48 21.24 12.08
SE MSE A 43 -9.69 21.19 13.08
CE MSE A 43 -10.23 21.32 13.01
CE MSE A 43 -8.19 21.42 11.82
H MSE A 43 -7.31 21.76 17.25
H MSE A 43 -7.40 21.76 17.27
HA MSE A 43 -8.13 19.58 16.08
HA MSE A 43 -8.13 19.62 16.02
HB2 MSE A 43 -8.42 21.54 14.94
HB2 MSE A 43 -6.83 21.91 15.06
HB3 MSE A 43 -6.85 21.78 14.89
HB3 MSE A 43 -7.21 20.71 14.09
HG2 MSE A 43 -6.54 20.34 13.27
HG2 MSE A 43 -9.39 21.51 15.45
HG3 MSE A 43 -7.83 19.48 13.66
HG3 MSE A 43 -8.75 22.74 14.68
HE1 MSE A 43 -10.89 21.71 12.42
HE1 MSE A 43 -8.52 21.36 10.92
HE2 MSE A 43 -10.50 20.43 13.27
HE2 MSE A 43 -7.79 22.29 11.97
HE3 MSE A 43 -10.14 21.87 13.81
HE3 MSE A 43 -7.53 20.72 11.99
N ALA A 44 -4.96 19.95 16.33
CA ALA A 44 -3.69 19.25 16.23
C ALA A 44 -3.64 18.03 17.14
N GLN A 45 -4.18 18.14 18.36
CA GLN A 45 -4.21 17.00 19.28
C GLN A 45 -5.03 15.84 18.71
N ARG A 46 -6.20 16.15 18.13
CA ARG A 46 -6.99 15.12 17.46
C ARG A 46 -6.24 14.53 16.28
N ALA A 47 -5.51 15.37 15.53
CA ALA A 47 -4.80 14.90 14.34
C ALA A 47 -3.79 13.81 14.66
N MSE A 48 -3.24 13.82 15.86
CA MSE A 48 -2.21 12.90 16.28
C MSE A 48 -2.70 11.50 16.56
O MSE A 48 -1.92 10.56 16.59
CB MSE A 48 -1.51 13.39 17.56
CG MSE A 48 -0.55 14.52 17.39
SE MSE A 48 -0.02 15.29 19.16
CE MSE A 48 0.61 17.02 18.47
H MSE A 48 -3.45 14.38 16.49
HA MSE A 48 -1.58 12.86 15.53
HB2 MSE A 48 -2.19 13.68 18.18
HB3 MSE A 48 -1.02 12.64 17.94
HG2 MSE A 48 0.24 14.20 16.94
HG3 MSE A 48 -0.97 15.22 16.87
HE1 MSE A 48 0.91 17.56 19.22
HE2 MSE A 48 1.36 16.86 17.87
HE3 MSE A 48 -0.11 17.46 18.01
N HIS A 49 -4.00 11.37 16.80
CA HIS A 49 -4.61 10.10 17.18
C HIS A 49 -5.52 9.55 16.10
N ASP A 50 -5.64 8.22 16.12
CA ASP A 50 -6.53 7.51 15.22
C ASP A 50 -7.90 7.45 15.89
N VAL A 51 -8.58 8.59 15.84
CA VAL A 51 -9.92 8.67 16.40
C VAL A 51 -10.96 8.43 15.31
N PRO A 52 -12.19 8.12 15.71
CA PRO A 52 -13.24 7.92 14.71
C PRO A 52 -13.30 9.12 13.79
N ILE A 53 -13.53 8.84 12.51
CA ILE A 53 -13.53 9.87 11.50
C ILE A 53 -14.74 10.78 11.62
N SER A 54 -15.83 10.30 12.23
CA SER A 54 -16.95 11.18 12.50
C SER A 54 -16.53 12.34 13.39
N SER A 55 -15.45 12.19 14.16
CA SER A 55 -15.03 13.25 15.07
C SER A 55 -14.07 14.25 14.41
N LYS A 56 -13.73 14.06 13.13
CA LYS A 56 -12.90 15.03 12.41
C LYS A 56 -13.69 15.73 11.31
N GLN A 57 -15.00 15.54 11.27
CA GLN A 57 -15.82 16.15 10.23
C GLN A 57 -15.74 17.67 10.30
N LEU A 58 -15.60 18.30 9.13
CA LEU A 58 -15.59 19.75 8.99
C LEU A 58 -16.42 20.18 7.79
N THR A 59 -17.51 20.90 8.03
CA THR A 59 -18.36 21.32 6.93
C THR A 59 -17.68 22.40 6.06
N ALA A 60 -18.14 22.50 4.82
CA ALA A 60 -17.59 23.43 3.84
C ALA A 60 -17.78 24.90 4.17
N ASN A 61 -18.77 25.26 5.00
CA ASN A 61 -18.89 26.66 5.38
C ASN A 61 -17.90 27.04 6.47
N LEU A 62 -17.30 26.07 7.18
CA LEU A 62 -16.43 26.40 8.28
C LEU A 62 -14.95 26.39 7.90
N LEU A 63 -14.59 25.69 6.85
CA LEU A 63 -13.17 25.57 6.50
C LEU A 63 -12.59 26.91 6.08
N PRO A 64 -13.29 27.74 5.30
CA PRO A 64 -12.69 29.01 4.86
C PRO A 64 -12.27 29.92 6.01
N VAL A 65 -13.03 29.94 7.11
CA VAL A 65 -12.67 30.82 8.20
C VAL A 65 -11.54 30.21 9.02
N LYS A 66 -11.50 28.88 9.13
CA LYS A 66 -10.44 28.21 9.87
C LYS A 66 -9.15 28.07 9.07
N PHE A 67 -9.15 28.47 7.79
CA PHE A 67 -7.99 28.25 6.94
C PHE A 67 -6.76 28.99 7.46
N LYS A 68 -6.89 30.29 7.67
CA LYS A 68 -5.72 31.08 8.03
C LYS A 68 -5.22 30.68 9.40
N PRO A 69 -6.09 30.48 10.39
CA PRO A 69 -5.61 29.90 11.65
C PRO A 69 -4.86 28.60 11.49
N LEU A 70 -5.36 27.67 10.67
N LEU A 70 -5.37 27.68 10.67
CA LEU A 70 -4.74 26.37 10.51
CA LEU A 70 -4.74 26.37 10.50
C LEU A 70 -3.39 26.46 9.82
C LEU A 70 -3.38 26.48 9.86
N LEU A 71 -3.18 27.46 8.96
CA LEU A 71 -1.87 27.64 8.34
C LEU A 71 -0.76 27.72 9.37
N SER A 72 -1.04 28.25 10.57
CA SER A 72 0.02 28.36 11.57
C SER A 72 0.67 27.02 11.83
N ILE A 73 -0.07 25.92 11.69
CA ILE A 73 0.52 24.59 11.77
C ILE A 73 0.84 24.03 10.38
N VAL A 74 -0.14 24.02 9.49
CA VAL A 74 0.02 23.26 8.24
C VAL A 74 1.17 23.80 7.42
N ARG A 75 1.38 25.12 7.45
CA ARG A 75 2.42 25.74 6.65
C ARG A 75 3.59 26.26 7.45
N TYR A 76 3.40 26.64 8.73
CA TYR A 76 4.46 27.26 9.52
C TYR A 76 4.85 26.44 10.77
N THR A 77 4.56 25.14 10.83
CA THR A 77 4.95 24.39 12.01
C THR A 77 6.47 24.31 12.10
N PRO A 78 7.03 24.38 13.31
CA PRO A 78 8.44 23.99 13.52
C PRO A 78 8.64 22.48 13.54
N ASN A 79 7.57 21.68 13.39
CA ASN A 79 7.70 20.23 13.46
C ASN A 79 7.33 19.62 12.12
N TYR A 80 7.88 20.17 11.03
CA TYR A 80 7.49 19.76 9.69
C TYR A 80 7.74 18.28 9.46
N TYR A 81 8.93 17.80 9.83
CA TYR A 81 9.24 16.40 9.53
C TYR A 81 8.43 15.46 10.41
N TYR A 82 8.17 15.84 11.65
CA TYR A 82 7.27 15.04 12.49
C TYR A 82 5.92 14.85 11.81
N TRP A 83 5.27 15.95 11.40
CA TRP A 83 3.92 15.88 10.85
C TRP A 83 3.91 15.14 9.51
N VAL A 84 4.84 15.48 8.63
CA VAL A 84 4.82 14.88 7.29
C VAL A 84 5.13 13.39 7.36
N SER A 85 6.08 13.02 8.21
CA SER A 85 6.42 11.60 8.31
C SER A 85 5.29 10.83 8.96
N MSE A 86 4.56 11.43 9.90
CA MSE A 86 3.37 10.78 10.46
C MSE A 86 2.30 10.56 9.37
O MSE A 86 1.71 9.47 9.27
CB MSE A 86 2.80 11.65 11.60
CG MSE A 86 1.36 11.34 11.93
SE MSE A 86 0.52 12.52 13.25
CE MSE A 86 1.35 11.56 14.74
H MSE A 86 4.73 12.21 10.23
HA MSE A 86 3.62 9.92 10.84
HB2 MSE A 86 3.32 11.49 12.41
HB3 MSE A 86 2.85 12.58 11.35
HG2 MSE A 86 0.85 11.42 11.11
HG3 MSE A 86 1.32 10.44 12.27
HE1 MSE A 86 1.09 11.99 15.57
HE2 MSE A 86 1.05 10.63 14.73
HE3 MSE A 86 2.32 11.59 14.64
N ARG A 87 2.05 11.59 8.56
CA ARG A 87 1.05 11.46 7.50
C ARG A 87 1.49 10.46 6.43
N LYS A 88 2.75 10.52 6.01
CA LYS A 88 3.24 9.57 5.01
C LYS A 88 3.19 8.14 5.53
N GLU A 89 3.42 7.94 6.84
CA GLU A 89 3.30 6.59 7.40
C GLU A 89 1.87 6.06 7.29
N THR A 90 0.88 6.90 7.58
CA THR A 90 -0.51 6.48 7.44
C THR A 90 -0.87 6.22 5.99
N ILE A 91 -0.47 7.12 5.09
CA ILE A 91 -0.79 6.98 3.68
C ILE A 91 -0.10 5.74 3.08
N ALA A 92 1.14 5.52 3.42
CA ALA A 92 1.88 4.36 2.85
C ALA A 92 1.31 3.03 3.34
N SER A 93 0.57 3.01 4.44
CA SER A 93 -0.06 1.79 4.91
C SER A 93 -1.58 1.85 4.77
N ALA A 94 -2.09 2.70 3.87
CA ALA A 94 -3.51 3.04 3.86
C ALA A 94 -4.35 2.01 3.12
N ASN A 95 -5.53 1.67 3.66
CA ASN A 95 -6.60 1.07 2.86
C ASN A 95 -7.39 2.15 2.10
N LEU A 96 -8.40 1.73 1.32
CA LEU A 96 -9.07 2.71 0.48
C LEU A 96 -9.90 3.71 1.30
N CYS A 97 -10.49 3.30 2.42
CA CYS A 97 -11.16 4.24 3.32
C CYS A 97 -10.23 5.39 3.68
N THR A 98 -8.99 5.05 4.08
CA THR A 98 -8.02 6.05 4.51
C THR A 98 -7.59 6.93 3.35
N VAL A 99 -7.32 6.31 2.20
CA VAL A 99 -6.95 7.08 1.02
C VAL A 99 -8.03 8.10 0.72
N ALA A 100 -9.29 7.67 0.78
CA ALA A 100 -10.39 8.55 0.40
C ALA A 100 -10.50 9.76 1.32
N ALA A 101 -10.37 9.53 2.64
CA ALA A 101 -10.42 10.62 3.60
C ALA A 101 -9.31 11.64 3.35
N PHE A 102 -8.07 11.17 3.17
CA PHE A 102 -6.96 12.07 2.97
C PHE A 102 -7.09 12.81 1.64
N LEU A 103 -7.66 12.18 0.62
CA LEU A 103 -7.84 12.86 -0.65
C LEU A 103 -8.82 14.02 -0.54
N ASP A 104 -9.99 13.78 0.06
CA ASP A 104 -10.93 14.88 0.25
C ASP A 104 -10.28 15.99 1.05
N GLU A 105 -9.56 15.66 2.11
CA GLU A 105 -8.86 16.70 2.87
C GLU A 105 -7.94 17.53 1.99
N SER A 106 -7.11 16.87 1.16
CA SER A 106 -6.11 17.59 0.37
C SER A 106 -6.76 18.46 -0.67
N LEU A 107 -7.84 17.99 -1.29
CA LEU A 107 -8.51 18.77 -2.34
C LEU A 107 -9.20 19.99 -1.77
N CYS A 108 -9.87 19.84 -0.62
CA CYS A 108 -10.48 21.00 0.01
C CYS A 108 -9.43 22.00 0.44
N TRP A 109 -8.30 21.52 0.96
CA TRP A 109 -7.18 22.39 1.34
C TRP A 109 -6.65 23.14 0.11
N GLY A 110 -6.44 22.41 -0.99
CA GLY A 110 -5.99 23.05 -2.21
C GLY A 110 -6.96 24.08 -2.73
N GLN A 111 -8.27 23.84 -2.58
CA GLN A 111 -9.24 24.85 -2.97
C GLN A 111 -9.10 26.13 -2.17
N GLN A 112 -8.68 26.03 -0.90
CA GLN A 112 -8.48 27.24 -0.10
C GLN A 112 -7.25 28.01 -0.57
N TYR A 113 -6.21 27.31 -1.02
CA TYR A 113 -5.10 27.98 -1.69
C TYR A 113 -5.60 28.82 -2.86
N LEU A 114 -6.37 28.22 -3.76
CA LEU A 114 -6.92 28.96 -4.90
C LEU A 114 -7.75 30.17 -4.44
N LYS A 115 -8.65 29.98 -3.49
CA LYS A 115 -9.50 31.06 -3.02
C LYS A 115 -8.68 32.23 -2.49
N ASN A 116 -7.46 31.99 -2.01
CA ASN A 116 -6.62 33.05 -1.47
C ASN A 116 -5.45 33.40 -2.38
N ASP A 117 -5.49 32.98 -3.64
CA ASP A 117 -4.44 33.32 -4.61
C ASP A 117 -3.05 32.94 -4.13
N PHE A 118 -2.94 31.77 -3.51
CA PHE A 118 -1.63 31.22 -3.18
C PHE A 118 -1.06 30.45 -4.38
N ILE A 119 0.25 30.27 -4.38
CA ILE A 119 0.93 29.56 -5.45
C ILE A 119 1.21 28.12 -5.00
N PHE A 120 1.18 27.20 -5.97
CA PHE A 120 1.54 25.80 -5.76
C PHE A 120 2.98 25.56 -6.23
N SER A 121 3.85 25.15 -5.31
CA SER A 121 5.22 24.80 -5.68
C SER A 121 5.79 23.83 -4.65
N GLU A 122 6.86 23.14 -5.05
CA GLU A 122 7.43 22.09 -4.20
C GLU A 122 8.11 22.66 -2.96
N ASN A 123 8.66 23.87 -3.06
CA ASN A 123 9.44 24.44 -1.97
C ASN A 123 8.56 24.92 -0.82
N GLY A 124 7.42 25.56 -1.14
CA GLY A 124 6.51 26.01 -0.10
C GLY A 124 6.14 24.85 0.79
N LYS A 125 6.56 24.89 2.05
CA LYS A 125 6.39 23.75 2.95
C LYS A 125 4.97 23.73 3.49
N ASP A 126 4.24 22.68 3.18
CA ASP A 126 2.83 22.52 3.53
C ASP A 126 2.61 21.05 3.81
N ILE A 127 2.26 20.71 5.06
CA ILE A 127 2.28 19.30 5.45
C ILE A 127 1.13 18.54 4.78
N ILE A 128 0.12 19.23 4.26
CA ILE A 128 -0.96 18.55 3.53
C ILE A 128 -0.58 18.34 2.06
N LEU A 129 -0.18 19.39 1.37
CA LEU A 129 0.14 19.27 -0.05
C LEU A 129 1.40 18.44 -0.30
N ASP A 130 2.34 18.43 0.64
CA ASP A 130 3.57 17.67 0.45
C ASP A 130 3.37 16.15 0.61
N THR A 131 2.15 15.68 0.94
CA THR A 131 1.84 14.26 0.88
C THR A 131 0.90 13.89 -0.27
N SER A 132 0.55 14.84 -1.14
CA SER A 132 -0.42 14.56 -2.21
C SER A 132 0.13 13.59 -3.25
N SER A 133 1.43 13.61 -3.52
CA SER A 133 1.95 12.63 -4.47
C SER A 133 1.93 11.22 -3.90
N ALA A 134 2.25 11.07 -2.62
CA ALA A 134 2.17 9.75 -2.01
C ALA A 134 0.73 9.23 -2.06
N LEU A 135 -0.21 10.12 -1.85
CA LEU A 135 -1.60 9.74 -1.92
C LEU A 135 -2.03 9.29 -3.31
N LEU A 136 -1.59 10.00 -4.35
CA LEU A 136 -1.89 9.56 -5.70
C LEU A 136 -1.36 8.14 -5.95
N SER A 137 -0.09 7.88 -5.61
CA SER A 137 0.45 6.53 -5.80
C SER A 137 -0.37 5.49 -5.04
N GLN A 138 -0.81 5.84 -3.83
CA GLN A 138 -1.60 4.87 -3.06
C GLN A 138 -2.96 4.63 -3.70
N LEU A 139 -3.64 5.68 -4.23
CA LEU A 139 -4.90 5.49 -4.91
C LEU A 139 -4.74 4.56 -6.10
N VAL A 140 -3.70 4.77 -6.90
CA VAL A 140 -3.45 3.91 -8.06
C VAL A 140 -3.23 2.47 -7.63
N HIS A 141 -2.48 2.28 -6.57
CA HIS A 141 -2.23 0.93 -6.04
C HIS A 141 -3.55 0.28 -5.67
N LYS A 142 -4.48 1.03 -5.04
CA LYS A 142 -5.77 0.41 -4.65
C LYS A 142 -6.60 0.07 -5.88
N ILE A 143 -6.67 0.98 -6.84
CA ILE A 143 -7.45 0.73 -8.04
C ILE A 143 -6.97 -0.51 -8.76
N LYS A 144 -5.65 -0.71 -8.82
CA LYS A 144 -5.08 -1.88 -9.50
C LYS A 144 -5.41 -3.19 -8.79
N MSE A 145 -5.63 -3.16 -7.49
CA MSE A 145 -5.99 -4.37 -6.75
C MSE A 145 -7.44 -4.70 -6.84
O MSE A 145 -7.84 -5.83 -6.60
CB MSE A 145 -5.60 -4.18 -5.29
CG MSE A 145 -4.17 -4.04 -5.03
SE MSE A 145 -4.05 -3.55 -3.12
CE MSE A 145 -2.21 -3.56 -3.00
H MSE A 145 -5.59 -2.46 -7.00
HA MSE A 145 -5.49 -5.11 -7.13
HB2 MSE A 145 -6.04 -3.39 -4.96
HB3 MSE A 145 -5.91 -4.96 -4.79
HG2 MSE A 145 -3.71 -4.87 -5.19
HG3 MSE A 145 -3.80 -3.34 -5.58
HE1 MSE A 145 -1.93 -2.97 -2.28
HE2 MSE A 145 -1.91 -4.47 -2.81
HE3 MSE A 145 -1.83 -3.26 -3.84
N LEU A 146 -8.28 -3.73 -7.17
CA LEU A 146 -9.70 -4.01 -7.23
C LEU A 146 -9.98 -5.02 -8.33
N PRO A 147 -10.92 -5.96 -8.11
CA PRO A 147 -11.36 -6.80 -9.22
C PRO A 147 -11.81 -5.89 -10.35
N PHE A 148 -11.56 -6.30 -11.59
CA PHE A 148 -11.77 -5.36 -12.67
C PHE A 148 -13.25 -5.18 -12.99
N CYS A 149 -14.14 -6.06 -12.49
CA CYS A 149 -15.57 -5.79 -12.56
C CYS A 149 -15.91 -4.39 -12.00
N HIS A 150 -15.04 -3.81 -11.14
CA HIS A 150 -15.32 -2.49 -10.58
C HIS A 150 -15.22 -1.40 -11.65
N CYS A 151 -14.24 -1.51 -12.55
CA CYS A 151 -14.12 -0.55 -13.64
C CYS A 151 -15.07 -0.90 -14.79
N LEU A 152 -15.22 -2.20 -15.10
CA LEU A 152 -16.02 -2.59 -16.26
C LEU A 152 -17.52 -2.44 -16.07
N MSE A 153 -18.00 -2.43 -14.84
N MSE A 153 -18.02 -2.45 -14.85
CA MSE A 153 -19.45 -2.36 -14.59
CA MSE A 153 -19.46 -2.36 -14.65
C MSE A 153 -19.97 -0.93 -14.43
C MSE A 153 -19.88 -0.93 -14.30
O MSE A 153 -21.02 -0.71 -13.81
O MSE A 153 -20.71 -0.70 -13.43
CB MSE A 153 -19.82 -3.15 -13.33
CB MSE A 153 -19.92 -3.33 -13.58
CG MSE A 153 -19.86 -4.67 -13.51
CG MSE A 153 -19.98 -4.77 -14.09
SE MSE A 153 -20.80 -5.54 -12.02
SE MSE A 153 -20.16 -6.10 -12.70
CE MSE A 153 -20.33 -7.41 -12.45
CE MSE A 153 -21.42 -5.17 -11.53
H MSE A 153 -17.53 -2.47 -14.12
H MSE A 153 -17.56 -2.52 -14.13
HA MSE A 153 -19.87 -2.75 -15.36
HA MSE A 153 -19.91 -2.60 -15.48
HB2 MSE A 153 -19.18 -2.96 -12.64
HB2 MSE A 153 -19.28 -3.31 -12.84
HB3 MSE A 153 -20.71 -2.88 -13.05
HB3 MSE A 153 -20.79 -3.07 -13.27
HG2 MSE A 153 -20.32 -4.88 -14.33
HG2 MSE A 153 -20.76 -4.85 -14.67
HG3 MSE A 153 -18.95 -4.99 -13.54
HG3 MSE A 153 -19.18 -4.96 -14.59
HE1 MSE A 153 -20.60 -7.98 -11.72
HE1 MSE A 153 -21.68 -5.76 -10.81
HE2 MSE A 153 -20.78 -7.67 -13.28
HE2 MSE A 153 -21.00 -4.38 -11.18
HE3 MSE A 153 -19.37 -7.47 -12.58
HE3 MSE A 153 -22.20 -4.92 -12.05
N GLN A 154 -19.25 0.03 -14.98
CA GLN A 154 -19.74 1.40 -15.05
C GLN A 154 -20.44 1.63 -16.38
N THR A 155 -21.31 2.65 -16.41
CA THR A 155 -22.08 2.90 -17.64
C THR A 155 -21.15 3.14 -18.83
N THR A 156 -20.04 3.85 -18.59
CA THR A 156 -19.02 4.12 -19.61
C THR A 156 -17.68 3.87 -18.96
N PRO A 157 -17.17 2.64 -19.04
CA PRO A 157 -16.00 2.27 -18.24
C PRO A 157 -14.74 3.04 -18.54
N GLN A 158 -14.50 3.41 -19.80
CA GLN A 158 -13.20 4.01 -20.14
C GLN A 158 -12.06 3.18 -19.58
N ASP A 159 -12.15 1.85 -19.78
CA ASP A 159 -11.19 0.94 -19.15
C ASP A 159 -9.76 1.23 -19.63
N HIS A 160 -9.61 1.60 -20.90
CA HIS A 160 -8.28 1.91 -21.42
C HIS A 160 -7.66 3.13 -20.74
N ILE A 161 -8.47 4.11 -20.35
CA ILE A 161 -7.92 5.27 -19.64
C ILE A 161 -7.46 4.87 -18.25
N VAL A 162 -8.31 4.14 -17.51
CA VAL A 162 -7.91 3.71 -16.18
C VAL A 162 -6.59 2.95 -16.25
N LYS A 163 -6.48 2.07 -17.24
CA LYS A 163 -5.31 1.20 -17.35
C LYS A 163 -4.06 2.02 -17.65
N GLN A 164 -4.16 2.94 -18.59
CA GLN A 164 -2.98 3.72 -18.98
C GLN A 164 -2.57 4.68 -17.88
N VAL A 165 -3.53 5.34 -17.21
CA VAL A 165 -3.14 6.23 -16.13
C VAL A 165 -2.49 5.47 -15.00
N CYS A 166 -3.07 4.31 -14.64
CA CYS A 166 -2.44 3.50 -13.61
C CYS A 166 -1.03 3.05 -14.05
N TYR A 167 -0.85 2.70 -15.32
CA TYR A 167 0.47 2.27 -15.80
C TYR A 167 1.49 3.42 -15.65
N LEU A 168 1.10 4.63 -16.07
CA LEU A 168 2.02 5.76 -16.02
C LEU A 168 2.48 6.06 -14.60
N ILE A 169 1.56 6.01 -13.63
CA ILE A 169 1.92 6.29 -12.25
C ILE A 169 2.67 5.13 -11.62
N ALA A 170 2.16 3.90 -11.79
CA ALA A 170 2.75 2.80 -11.06
C ALA A 170 4.12 2.44 -11.63
N SER A 171 4.32 2.60 -12.92
CA SER A 171 5.56 2.15 -13.54
C SER A 171 6.73 3.09 -13.26
N ASN A 172 6.49 4.40 -13.33
CA ASN A 172 7.57 5.38 -13.23
C ASN A 172 7.11 6.75 -12.68
N ASN A 173 6.00 6.80 -11.96
CA ASN A 173 5.52 8.04 -11.36
C ASN A 173 5.49 9.19 -12.35
N ARG A 174 4.93 8.94 -13.53
CA ARG A 174 4.91 9.91 -14.64
C ARG A 174 3.65 10.76 -14.51
N ILE A 175 3.70 11.69 -13.55
CA ILE A 175 2.53 12.47 -13.16
C ILE A 175 2.09 13.39 -14.28
N LEU A 176 3.02 14.18 -14.83
CA LEU A 176 2.66 15.08 -15.91
C LEU A 176 2.19 14.33 -17.17
N ASP A 177 2.79 13.18 -17.49
CA ASP A 177 2.28 12.39 -18.61
C ASP A 177 0.85 11.92 -18.33
N ALA A 178 0.52 11.62 -17.08
CA ALA A 178 -0.85 11.22 -16.79
C ALA A 178 -1.83 12.38 -17.01
N VAL A 179 -1.44 13.60 -16.63
CA VAL A 179 -2.29 14.75 -16.94
C VAL A 179 -2.43 14.95 -18.44
N ARG A 180 -1.31 14.92 -19.18
CA ARG A 180 -1.38 15.01 -20.62
C ARG A 180 -2.38 14.02 -21.19
N TYR A 181 -2.34 12.76 -20.71
CA TYR A 181 -3.23 11.74 -21.24
C TYR A 181 -4.69 12.01 -20.87
N LEU A 182 -4.93 12.41 -19.63
CA LEU A 182 -6.28 12.68 -19.17
C LEU A 182 -6.92 13.86 -19.89
N GLN A 183 -6.12 14.82 -20.33
CA GLN A 183 -6.75 16.01 -20.88
C GLN A 183 -7.16 15.81 -22.33
N THR A 184 -6.89 14.63 -22.90
CA THR A 184 -7.31 14.33 -24.27
C THR A 184 -8.75 13.87 -24.37
N SER A 185 -9.45 13.62 -23.27
CA SER A 185 -10.78 13.02 -23.36
C SER A 185 -11.70 13.58 -22.30
N VAL A 186 -13.00 13.61 -22.59
CA VAL A 186 -13.99 13.88 -21.57
C VAL A 186 -14.04 12.70 -20.58
N ILE A 187 -14.08 13.02 -19.29
CA ILE A 187 -14.15 11.98 -18.24
C ILE A 187 -15.59 11.50 -18.11
N LYS A 188 -15.80 10.18 -18.22
CA LYS A 188 -17.15 9.62 -18.20
C LYS A 188 -17.34 8.49 -17.19
N SER A 189 -16.30 8.09 -16.50
CA SER A 189 -16.32 7.06 -15.49
C SER A 189 -15.94 7.65 -14.14
N PRO A 190 -16.62 7.26 -13.06
CA PRO A 190 -16.23 7.76 -11.74
C PRO A 190 -14.82 7.37 -11.34
N ILE A 191 -14.29 6.24 -11.83
CA ILE A 191 -12.92 5.86 -11.49
C ILE A 191 -11.92 6.80 -12.12
N VAL A 192 -12.14 7.12 -13.41
CA VAL A 192 -11.31 8.12 -14.07
C VAL A 192 -11.42 9.47 -13.36
N LEU A 193 -12.61 9.84 -12.90
CA LEU A 193 -12.73 11.12 -12.21
C LEU A 193 -11.90 11.12 -10.93
N LEU A 194 -11.95 10.03 -10.16
CA LEU A 194 -11.12 9.95 -8.97
C LEU A 194 -9.63 10.10 -9.29
N LEU A 195 -9.17 9.45 -10.34
CA LEU A 195 -7.77 9.58 -10.74
C LEU A 195 -7.44 11.03 -11.10
N ALA A 196 -8.35 11.70 -11.81
CA ALA A 196 -8.13 13.09 -12.18
C ALA A 196 -8.05 13.98 -10.93
N TYR A 197 -8.95 13.79 -9.98
CA TYR A 197 -8.88 14.54 -8.73
C TYR A 197 -7.56 14.27 -8.02
N ALA A 198 -7.10 13.01 -8.01
CA ALA A 198 -5.89 12.69 -7.26
C ALA A 198 -4.63 13.22 -7.94
N VAL A 199 -4.68 13.41 -9.26
CA VAL A 199 -3.47 13.86 -9.96
C VAL A 199 -3.30 15.37 -9.95
N CYS A 200 -4.36 16.14 -9.73
CA CYS A 200 -4.30 17.56 -10.07
C CYS A 200 -3.37 18.32 -9.15
N LEU A 201 -3.35 18.01 -7.82
CA LEU A 201 -2.44 18.79 -6.97
C LEU A 201 -0.99 18.33 -7.10
N PRO A 202 -0.68 17.02 -7.09
CA PRO A 202 0.72 16.62 -7.34
C PRO A 202 1.26 17.15 -8.66
N ALA A 203 0.43 17.18 -9.70
CA ALA A 203 0.87 17.74 -10.97
C ALA A 203 1.05 19.25 -10.89
N ALA A 204 0.09 19.96 -10.27
CA ALA A 204 0.21 21.42 -10.19
C ALA A 204 1.51 21.81 -9.49
N ILE A 205 1.87 21.08 -8.42
CA ILE A 205 3.03 21.43 -7.61
C ILE A 205 4.35 21.33 -8.37
N ILE A 206 4.46 20.43 -9.36
CA ILE A 206 5.73 20.28 -10.09
C ILE A 206 5.71 20.93 -11.46
N CYS A 207 4.61 21.56 -11.88
CA CYS A 207 4.63 22.27 -13.16
C CYS A 207 5.61 23.43 -13.12
N THR A 208 6.38 23.59 -14.19
CA THR A 208 7.29 24.71 -14.38
C THR A 208 6.62 25.75 -15.29
N LYS A 209 7.40 26.76 -15.70
CA LYS A 209 6.91 27.76 -16.64
C LYS A 209 6.65 27.20 -18.03
N ASN A 210 7.29 26.09 -18.38
CA ASN A 210 7.09 25.44 -19.68
C ASN A 210 5.82 24.61 -19.74
N GLU A 211 5.09 24.47 -18.63
CA GLU A 211 3.92 23.60 -18.58
C GLU A 211 2.71 24.35 -18.04
N THR A 212 2.51 25.59 -18.48
CA THR A 212 1.39 26.37 -17.97
C THR A 212 0.06 25.84 -18.48
N GLN A 213 0.03 25.21 -19.66
CA GLN A 213 -1.22 24.63 -20.16
C GLN A 213 -1.64 23.44 -19.30
N LEU A 214 -0.68 22.61 -18.86
CA LEU A 214 -1.04 21.52 -17.96
C LEU A 214 -1.49 22.06 -16.61
N TYR A 215 -0.81 23.09 -16.13
CA TYR A 215 -1.19 23.70 -14.87
C TYR A 215 -2.62 24.21 -14.93
N SER A 216 -2.98 24.87 -16.01
CA SER A 216 -4.33 25.40 -16.19
C SER A 216 -5.36 24.29 -16.16
N HIS A 217 -5.06 23.14 -16.76
CA HIS A 217 -5.99 22.01 -16.69
C HIS A 217 -6.14 21.51 -15.25
N CYS A 218 -5.03 21.39 -14.52
CA CYS A 218 -5.12 21.02 -13.10
C CYS A 218 -6.02 21.99 -12.33
N MSE A 219 -5.91 23.29 -12.60
CA MSE A 219 -6.74 24.26 -11.92
C MSE A 219 -8.24 24.08 -12.27
O MSE A 219 -9.09 24.27 -11.39
CB MSE A 219 -6.29 25.69 -12.25
CG MSE A 219 -4.92 26.05 -11.69
SE MSE A 219 -4.73 25.74 -9.75
CE MSE A 219 -3.85 24.06 -9.74
H MSE A 219 -5.38 23.62 -13.19
HA MSE A 219 -6.63 24.14 -10.97
HB2 MSE A 219 -6.25 25.79 -13.21
HB3 MSE A 219 -6.94 26.31 -11.88
HG2 MSE A 219 -4.25 25.50 -12.14
HG3 MSE A 219 -4.75 26.99 -11.86
HE1 MSE A 219 -3.70 23.78 -8.82
HE2 MSE A 219 -4.40 23.41 -10.20
HE3 MSE A 219 -3.00 24.15 -10.20
N ARG A 220 -8.57 23.70 -13.52
CA ARG A 220 -9.97 23.46 -13.85
C ARG A 220 -10.55 22.32 -13.03
N ILE A 221 -9.79 21.22 -12.92
CA ILE A 221 -10.19 20.06 -12.14
C ILE A 221 -10.35 20.44 -10.67
N LEU A 222 -9.37 21.17 -10.13
CA LEU A 222 -9.43 21.57 -8.71
C LEU A 222 -10.64 22.46 -8.44
N LYS A 223 -10.95 23.38 -9.36
CA LYS A 223 -12.10 24.27 -9.17
C LYS A 223 -13.43 23.55 -9.30
N GLU A 224 -13.50 22.49 -10.12
CA GLU A 224 -14.76 21.77 -10.30
C GLU A 224 -15.05 20.78 -9.18
N TYR A 225 -14.03 20.32 -8.45
CA TYR A 225 -14.22 19.48 -7.27
C TYR A 225 -15.20 20.12 -6.28
N ARG A 226 -16.08 19.28 -5.71
CA ARG A 226 -17.02 19.71 -4.70
C ARG A 226 -16.69 19.02 -3.37
N PRO A 227 -16.58 19.75 -2.27
CA PRO A 227 -16.17 19.13 -1.00
C PRO A 227 -16.95 17.86 -0.72
N GLY A 228 -16.20 16.80 -0.38
CA GLY A 228 -16.74 15.49 -0.10
C GLY A 228 -16.86 14.57 -1.30
N ASP A 229 -16.49 15.04 -2.49
CA ASP A 229 -16.76 14.28 -3.71
C ASP A 229 -16.11 12.90 -3.68
N VAL A 230 -14.88 12.78 -3.14
CA VAL A 230 -14.21 11.49 -3.22
C VAL A 230 -14.96 10.45 -2.39
N MSE A 231 -15.33 10.80 -1.15
CA MSE A 231 -16.13 9.87 -0.32
C MSE A 231 -17.53 9.62 -0.94
O MSE A 231 -18.02 8.51 -0.92
CB MSE A 231 -16.29 10.43 1.10
CG MSE A 231 -15.02 10.32 1.93
SE MSE A 231 -14.73 8.45 2.41
CE MSE A 231 -16.33 8.13 3.40
H MSE A 231 -15.13 11.55 -0.77
HA MSE A 231 -15.66 9.03 -0.25
HB2 MSE A 231 -16.53 11.37 1.05
HB3 MSE A 231 -16.99 9.95 1.56
HG2 MSE A 231 -14.27 10.62 1.41
HG3 MSE A 231 -15.11 10.83 2.74
HE1 MSE A 231 -16.23 7.31 3.91
HE2 MSE A 231 -16.49 8.87 4.01
HE3 MSE A 231 -17.08 8.04 2.78
N ASN A 232 -18.15 10.65 -1.49
CA ASN A 232 -19.48 10.46 -2.07
C ASN A 232 -19.43 9.53 -3.30
N ILE A 233 -18.46 9.74 -4.18
CA ILE A 233 -18.32 8.90 -5.38
C ILE A 233 -18.04 7.46 -5.00
N LEU A 234 -17.07 7.24 -4.10
CA LEU A 234 -16.72 5.88 -3.75
C LEU A 234 -17.88 5.20 -3.04
N HIS A 235 -18.58 5.93 -2.17
CA HIS A 235 -19.72 5.34 -1.46
C HIS A 235 -20.79 4.88 -2.43
N GLU A 236 -21.19 5.75 -3.35
CA GLU A 236 -22.21 5.38 -4.34
C GLU A 236 -21.73 4.19 -5.19
N SER A 237 -20.51 4.25 -5.70
CA SER A 237 -20.02 3.22 -6.58
C SER A 237 -19.89 1.88 -5.86
N LEU A 238 -19.39 1.87 -4.62
CA LEU A 238 -19.27 0.61 -3.90
C LEU A 238 -20.63 0.06 -3.54
N THR A 239 -21.61 0.95 -3.24
CA THR A 239 -22.96 0.50 -2.92
C THR A 239 -23.63 -0.12 -4.13
N GLN A 240 -23.49 0.51 -5.31
CA GLN A 240 -24.10 -0.07 -6.50
C GLN A 240 -23.45 -1.40 -6.84
N HIS A 241 -22.12 -1.49 -6.70
CA HIS A 241 -21.44 -2.71 -7.11
C HIS A 241 -21.84 -3.89 -6.23
N LEU A 242 -21.95 -3.67 -4.92
CA LEU A 242 -22.42 -4.72 -4.03
C LEU A 242 -23.78 -5.25 -4.47
N ASN A 243 -24.67 -4.36 -4.89
N ASN A 243 -24.60 -4.41 -5.08
CA ASN A 243 -26.04 -4.71 -5.20
CA ASN A 243 -25.98 -4.79 -5.40
C ASN A 243 -26.19 -5.38 -6.56
C ASN A 243 -26.13 -5.49 -6.75
N LYS A 244 -25.15 -5.33 -7.38
N LYS A 244 -25.05 -5.72 -7.51
CA LYS A 244 -25.24 -5.77 -8.76
CA LYS A 244 -25.23 -6.35 -8.82
C LYS A 244 -24.17 -6.77 -9.20
C LYS A 244 -24.05 -7.18 -9.31
N CYS A 245 -23.02 -6.86 -8.50
N CYS A 245 -22.92 -7.22 -8.61
CA CYS A 245 -22.01 -7.85 -8.90
CA CYS A 245 -21.89 -8.14 -9.07
C CYS A 245 -22.41 -9.22 -8.38
C CYS A 245 -22.28 -9.55 -8.67
N PRO A 246 -22.40 -10.27 -9.22
N PRO A 246 -22.29 -10.52 -9.59
CA PRO A 246 -22.78 -11.62 -8.75
CA PRO A 246 -22.65 -11.87 -9.21
C PRO A 246 -21.64 -12.47 -8.20
C PRO A 246 -21.60 -12.56 -8.36
N SER A 247 -20.37 -12.04 -8.30
CA SER A 247 -19.22 -12.83 -7.87
C SER A 247 -18.94 -12.81 -6.37
N SER A 248 -18.88 -14.00 -5.76
CA SER A 248 -18.57 -14.08 -4.34
C SER A 248 -17.10 -13.72 -4.07
N THR A 249 -16.18 -14.18 -4.93
CA THR A 249 -14.80 -13.80 -4.72
C THR A 249 -14.63 -12.28 -4.75
N CYS A 250 -15.40 -11.58 -5.62
N CYS A 250 -15.37 -11.60 -5.64
CA CYS A 250 -15.23 -10.12 -5.69
CA CYS A 250 -15.32 -10.14 -5.72
C CYS A 250 -15.55 -9.46 -4.35
C CYS A 250 -15.54 -9.51 -4.36
N ALA A 251 -16.63 -9.90 -3.68
CA ALA A 251 -16.98 -9.26 -2.42
C ALA A 251 -15.85 -9.40 -1.40
N TYR A 252 -15.28 -10.59 -1.27
CA TYR A 252 -14.23 -10.78 -0.28
C TYR A 252 -13.00 -9.98 -0.61
N THR A 253 -12.64 -9.94 -1.90
CA THR A 253 -11.45 -9.19 -2.29
C THR A 253 -11.67 -7.70 -2.10
N THR A 254 -12.86 -7.22 -2.44
CA THR A 254 -13.17 -5.81 -2.31
C THR A 254 -13.12 -5.37 -0.85
N ARG A 255 -13.69 -6.18 0.05
CA ARG A 255 -13.58 -5.91 1.48
C ARG A 255 -12.13 -5.74 1.92
N ALA A 256 -11.23 -6.59 1.43
CA ALA A 256 -9.83 -6.51 1.84
C ALA A 256 -9.18 -5.22 1.38
N ILE A 257 -9.57 -4.71 0.22
CA ILE A 257 -8.93 -3.53 -0.31
C ILE A 257 -9.54 -2.27 0.31
N VAL A 258 -10.85 -2.26 0.47
CA VAL A 258 -11.53 -1.11 1.01
C VAL A 258 -11.19 -0.93 2.49
N GLY A 259 -11.24 -2.03 3.23
CA GLY A 259 -11.05 -2.04 4.67
C GLY A 259 -12.35 -1.72 5.37
N THR A 260 -12.34 -1.83 6.69
CA THR A 260 -13.56 -1.61 7.47
C THR A 260 -13.59 -0.27 8.19
N LYS A 261 -12.46 0.43 8.28
CA LYS A 261 -12.46 1.78 8.82
C LYS A 261 -11.18 2.50 8.39
N ALA A 262 -11.23 3.82 8.48
CA ALA A 262 -10.06 4.61 8.13
C ALA A 262 -9.09 4.66 9.32
N ASN A 263 -7.81 4.88 9.03
CA ASN A 263 -6.80 5.27 10.02
C ASN A 263 -6.66 6.79 9.89
N THR A 264 -7.05 7.54 10.90
CA THR A 264 -7.04 9.00 10.80
C THR A 264 -5.80 9.64 11.41
N THR A 265 -4.77 8.86 11.72
CA THR A 265 -3.54 9.43 12.26
C THR A 265 -2.90 10.38 11.26
N GLY A 266 -2.74 11.61 11.66
CA GLY A 266 -2.25 12.62 10.76
C GLY A 266 -3.31 13.32 9.95
N LEU A 267 -4.56 12.87 9.99
CA LEU A 267 -5.66 13.56 9.31
C LEU A 267 -6.17 14.71 10.19
N PHE A 268 -6.10 15.92 9.67
CA PHE A 268 -6.58 17.09 10.41
C PHE A 268 -8.10 17.22 10.34
N PHE A 269 -8.70 17.00 9.16
CA PHE A 269 -10.16 17.12 9.06
C PHE A 269 -10.65 16.27 7.89
N LEU A 270 -11.90 15.83 8.00
CA LEU A 270 -12.63 15.21 6.89
C LEU A 270 -13.63 16.24 6.41
N PRO A 271 -13.39 16.90 5.28
CA PRO A 271 -14.34 17.92 4.83
C PRO A 271 -15.58 17.30 4.19
N THR A 272 -16.74 17.91 4.46
CA THR A 272 -17.99 17.47 3.88
C THR A 272 -18.77 18.67 3.38
N GLN A 273 -19.84 18.41 2.65
CA GLN A 273 -20.83 19.45 2.36
C GLN A 273 -21.34 20.10 3.66
N GLY B 1 -6.52 24.12 -28.11
CA GLY B 1 -7.72 24.61 -28.77
C GLY B 1 -8.77 25.05 -27.77
N PRO B 2 -10.04 25.05 -28.17
CA PRO B 2 -11.10 25.41 -27.22
C PRO B 2 -11.09 24.50 -26.01
N LEU B 3 -11.61 25.00 -24.90
CA LEU B 3 -11.65 24.17 -23.71
C LEU B 3 -12.76 23.11 -23.87
N LEU B 4 -12.43 21.89 -23.48
CA LEU B 4 -13.31 20.76 -23.54
C LEU B 4 -14.02 20.57 -22.21
N LYS B 5 -15.23 20.03 -22.29
CA LYS B 5 -15.95 19.60 -21.10
C LYS B 5 -15.07 18.71 -20.24
N LEU B 6 -15.03 18.98 -18.93
CA LEU B 6 -14.21 18.18 -18.04
C LEU B 6 -14.78 16.78 -17.84
N PHE B 7 -16.02 16.69 -17.39
CA PHE B 7 -16.58 15.38 -17.11
C PHE B 7 -18.09 15.45 -17.21
N ASP B 8 -18.69 14.29 -17.42
CA ASP B 8 -20.14 14.18 -17.46
C ASP B 8 -20.69 14.40 -16.06
N ILE B 9 -21.55 15.41 -15.90
CA ILE B 9 -22.05 15.72 -14.55
C ILE B 9 -22.85 14.57 -13.96
N SER B 10 -23.40 13.69 -14.79
CA SER B 10 -24.14 12.52 -14.31
C SER B 10 -23.25 11.54 -13.54
N ILE B 11 -21.92 11.71 -13.58
CA ILE B 11 -21.04 10.87 -12.77
C ILE B 11 -21.30 11.09 -11.28
N LEU B 12 -21.66 12.27 -10.90
CA LEU B 12 -21.70 12.60 -9.47
C LEU B 12 -22.96 11.99 -8.82
N PRO B 13 -22.86 11.51 -7.58
CA PRO B 13 -24.06 10.97 -6.93
C PRO B 13 -25.05 12.05 -6.57
N LYS B 14 -26.30 11.64 -6.40
CA LYS B 14 -27.32 12.52 -5.88
C LYS B 14 -26.89 13.11 -4.55
N SER B 15 -27.09 14.42 -4.40
CA SER B 15 -26.81 15.08 -3.13
C SER B 15 -27.56 14.38 -2.00
N GLY B 16 -26.96 14.38 -0.83
CA GLY B 16 -27.57 13.78 0.35
C GLY B 16 -26.87 14.25 1.59
N GLU B 17 -26.83 13.36 2.59
CA GLU B 17 -26.09 13.66 3.79
C GLU B 17 -24.63 13.29 3.60
N PRO B 18 -23.72 13.93 4.34
CA PRO B 18 -22.30 13.55 4.26
C PRO B 18 -22.11 12.06 4.43
N LYS B 19 -21.21 11.48 3.64
CA LYS B 19 -20.84 10.09 3.76
C LYS B 19 -19.59 10.01 4.63
N LEU B 20 -19.71 9.35 5.78
CA LEU B 20 -18.60 9.20 6.71
C LEU B 20 -18.00 7.80 6.73
N PHE B 21 -18.55 6.86 5.99
CA PHE B 21 -18.04 5.49 5.94
C PHE B 21 -18.15 4.97 4.51
N LEU B 22 -17.31 4.05 4.15
CA LEU B 22 -17.55 3.34 2.90
C LEU B 22 -18.22 2.00 3.20
N PRO B 23 -19.13 1.54 2.35
CA PRO B 23 -19.82 0.28 2.64
C PRO B 23 -18.98 -0.91 2.24
N VAL B 24 -19.04 -1.94 3.08
CA VAL B 24 -18.41 -3.21 2.79
C VAL B 24 -19.46 -4.31 2.89
N PRO B 25 -19.39 -5.33 2.03
CA PRO B 25 -20.38 -6.41 2.12
C PRO B 25 -20.36 -7.05 3.49
N SER B 26 -21.54 -7.39 3.99
CA SER B 26 -21.64 -8.13 5.24
C SER B 26 -21.04 -9.52 5.03
N LEU B 27 -20.31 -9.99 6.04
CA LEU B 27 -19.54 -11.22 5.93
C LEU B 27 -20.37 -12.41 6.42
N PRO B 28 -20.59 -13.44 5.59
CA PRO B 28 -21.29 -14.63 6.10
C PRO B 28 -20.53 -15.25 7.25
N CYS B 29 -21.26 -15.95 8.11
CA CYS B 29 -20.65 -16.53 9.30
C CYS B 29 -19.72 -17.67 8.89
N GLN B 30 -18.62 -17.79 9.63
CA GLN B 30 -17.63 -18.83 9.42
C GLN B 30 -18.08 -20.17 9.99
N GLU B 31 -17.65 -21.25 9.34
CA GLU B 31 -17.88 -22.59 9.84
C GLU B 31 -16.80 -22.97 10.86
N ALA B 32 -17.10 -23.96 11.69
CA ALA B 32 -16.05 -24.46 12.59
C ALA B 32 -14.91 -25.07 11.77
N GLU B 33 -13.68 -24.82 12.21
CA GLU B 33 -12.53 -25.42 11.57
C GLU B 33 -12.55 -26.94 11.80
N LYS B 34 -11.91 -27.65 10.89
CA LYS B 34 -12.00 -29.12 10.85
C LYS B 34 -10.79 -29.74 11.51
N THR B 35 -10.67 -29.48 12.81
CA THR B 35 -9.63 -30.06 13.63
C THR B 35 -10.09 -30.00 15.07
N ASN B 36 -9.68 -30.98 15.85
CA ASN B 36 -9.82 -30.97 17.30
C ASN B 36 -8.49 -30.71 17.98
N ASP B 37 -7.47 -30.36 17.23
CA ASP B 37 -6.14 -30.14 17.81
C ASP B 37 -6.11 -28.74 18.45
N LYS B 38 -5.98 -28.71 19.79
CA LYS B 38 -6.12 -27.46 20.54
C LYS B 38 -4.97 -26.50 20.30
N TYR B 39 -3.77 -27.00 19.99
CA TYR B 39 -2.68 -26.13 19.57
C TYR B 39 -2.98 -25.44 18.26
N VAL B 40 -3.49 -26.19 17.27
CA VAL B 40 -3.85 -25.60 15.97
C VAL B 40 -4.97 -24.56 16.14
N LEU B 41 -6.02 -24.92 16.91
CA LEU B 41 -7.10 -23.98 17.15
C LEU B 41 -6.61 -22.72 17.84
N ALA B 42 -5.71 -22.86 18.83
CA ALA B 42 -5.10 -21.71 19.48
C ALA B 42 -4.34 -20.84 18.50
N MSE B 43 -3.58 -21.45 17.59
CA MSE B 43 -2.82 -20.70 16.60
C MSE B 43 -3.78 -19.93 15.66
O MSE B 43 -3.49 -18.78 15.31
CB MSE B 43 -1.93 -21.63 15.77
CG MSE B 43 -0.80 -22.18 16.60
SE MSE B 43 0.55 -20.79 16.74
CE MSE B 43 1.38 -21.14 15.07
H MSE B 43 -3.48 -22.31 17.53
HA MSE B 43 -2.23 -20.09 17.07
HB2 MSE B 43 -2.45 -22.39 15.44
HB3 MSE B 43 -1.56 -21.14 15.02
HG2 MSE B 43 -1.10 -22.42 17.49
HG3 MSE B 43 -0.40 -22.96 16.16
HE1 MSE B 43 2.15 -20.57 14.97
HE2 MSE B 43 1.64 -22.07 15.03
HE3 MSE B 43 0.74 -20.95 14.35
N ALA B 44 -4.90 -20.53 15.28
CA ALA B 44 -5.86 -19.82 14.45
C ALA B 44 -6.49 -18.64 15.22
N GLN B 45 -6.82 -18.85 16.50
CA GLN B 45 -7.41 -17.78 17.29
C GLN B 45 -6.47 -16.56 17.36
N ARG B 46 -5.19 -16.81 17.47
CA ARG B 46 -4.24 -15.74 17.60
C ARG B 46 -3.94 -15.11 16.24
N ALA B 47 -4.06 -15.87 15.17
CA ALA B 47 -3.86 -15.32 13.82
C ALA B 47 -4.96 -14.33 13.47
N MSE B 48 -6.11 -14.43 14.12
CA MSE B 48 -7.20 -13.53 13.84
C MSE B 48 -7.04 -12.13 14.41
O MSE B 48 -7.86 -11.29 14.15
CB MSE B 48 -8.53 -14.11 14.43
CG MSE B 48 -8.94 -15.40 13.75
SE MSE B 48 -10.40 -16.23 14.80
CE MSE B 48 -11.67 -14.83 14.57
H MSE B 48 -6.27 -15.02 14.72
HA MSE B 48 -7.24 -13.46 12.88
HB2 MSE B 48 -8.41 -14.30 15.37
HB3 MSE B 48 -9.24 -13.47 14.30
HG2 MSE B 48 -9.25 -15.22 12.86
HG3 MSE B 48 -8.18 -16.01 13.72
HE1 MSE B 48 -12.52 -15.10 14.96
HE2 MSE B 48 -11.34 -14.03 15.00
HE3 MSE B 48 -11.79 -14.66 13.62
N HIS B 49 -6.03 -11.90 15.20
CA HIS B 49 -5.87 -10.61 15.88
C HIS B 49 -4.44 -10.06 15.74
N ASP B 50 -4.32 -8.77 15.96
CA ASP B 50 -3.02 -8.08 15.79
C ASP B 50 -2.23 -8.20 17.11
N VAL B 51 -1.73 -9.38 17.31
CA VAL B 51 -0.89 -9.75 18.47
C VAL B 51 0.50 -9.14 18.27
N PRO B 52 1.18 -8.68 19.33
CA PRO B 52 2.60 -8.26 19.19
C PRO B 52 3.44 -9.36 18.56
N ILE B 53 4.25 -8.96 17.59
CA ILE B 53 4.92 -9.97 16.79
C ILE B 53 5.89 -10.84 17.61
N SER B 54 6.45 -10.33 18.71
CA SER B 54 7.31 -11.18 19.52
C SER B 54 6.53 -12.38 20.06
N SER B 55 5.24 -12.18 20.33
CA SER B 55 4.42 -13.29 20.81
C SER B 55 4.20 -14.37 19.77
N LYS B 56 4.35 -14.05 18.49
CA LYS B 56 4.12 -15.02 17.42
C LYS B 56 5.40 -15.72 16.95
N GLN B 57 6.52 -15.46 17.61
CA GLN B 57 7.79 -16.09 17.23
C GLN B 57 7.70 -17.60 17.33
N LEU B 58 8.26 -18.27 16.32
CA LEU B 58 8.31 -19.71 16.27
C LEU B 58 9.70 -20.12 15.81
N THR B 59 10.39 -20.92 16.61
CA THR B 59 11.72 -21.38 16.25
C THR B 59 11.63 -22.33 15.08
N ALA B 60 12.39 -22.06 14.03
CA ALA B 60 12.06 -22.71 12.78
C ALA B 60 12.37 -24.20 12.82
N ASN B 61 13.30 -24.66 13.66
CA ASN B 61 13.48 -26.09 13.73
C ASN B 61 12.34 -26.81 14.47
N LEU B 62 11.39 -26.10 15.06
CA LEU B 62 10.17 -26.75 15.56
C LEU B 62 9.06 -26.76 14.51
N LEU B 63 9.22 -26.06 13.39
CA LEU B 63 8.10 -25.99 12.45
C LEU B 63 7.75 -27.30 11.78
N PRO B 64 8.73 -28.15 11.44
CA PRO B 64 8.39 -29.44 10.83
C PRO B 64 7.38 -30.29 11.61
N VAL B 65 7.41 -30.32 12.94
CA VAL B 65 6.43 -31.12 13.65
C VAL B 65 5.06 -30.41 13.72
N LYS B 66 5.01 -29.11 13.46
CA LYS B 66 3.75 -28.38 13.45
C LYS B 66 3.12 -28.30 12.07
N PHE B 67 3.85 -28.69 11.03
CA PHE B 67 3.37 -28.46 9.66
C PHE B 67 2.11 -29.25 9.36
N LYS B 68 2.15 -30.55 9.54
CA LYS B 68 0.99 -31.31 9.16
C LYS B 68 -0.22 -30.95 10.02
N PRO B 69 -0.07 -30.75 11.34
CA PRO B 69 -1.23 -30.22 12.13
C PRO B 69 -1.79 -28.91 11.60
N LEU B 70 -0.94 -27.95 11.28
CA LEU B 70 -1.42 -26.65 10.82
C LEU B 70 -2.04 -26.71 9.43
N LEU B 71 -1.69 -27.72 8.63
CA LEU B 71 -2.37 -27.88 7.34
C LEU B 71 -3.87 -28.05 7.48
N SER B 72 -4.33 -28.56 8.63
CA SER B 72 -5.76 -28.78 8.78
C SER B 72 -6.53 -27.49 8.65
N ILE B 73 -5.90 -26.36 8.95
CA ILE B 73 -6.47 -25.08 8.66
C ILE B 73 -5.90 -24.49 7.37
N VAL B 74 -4.57 -24.49 7.22
CA VAL B 74 -3.98 -23.71 6.12
C VAL B 74 -4.40 -24.25 4.76
N ARG B 75 -4.50 -25.57 4.62
CA ARG B 75 -4.95 -26.18 3.38
C ARG B 75 -6.42 -26.57 3.40
N TYR B 76 -6.95 -27.06 4.52
CA TYR B 76 -8.27 -27.71 4.50
C TYR B 76 -9.37 -26.89 5.15
N THR B 77 -9.13 -25.62 5.48
CA THR B 77 -10.18 -24.84 6.13
C THR B 77 -11.44 -24.76 5.26
N PRO B 78 -12.64 -24.88 5.84
CA PRO B 78 -13.87 -24.53 5.10
C PRO B 78 -14.09 -23.03 5.00
N ASN B 79 -13.19 -22.20 5.55
CA ASN B 79 -13.31 -20.74 5.55
C ASN B 79 -12.23 -20.09 4.70
N TYR B 80 -11.96 -20.70 3.54
CA TYR B 80 -10.82 -20.27 2.72
C TYR B 80 -10.89 -18.79 2.37
N TYR B 81 -12.04 -18.31 1.88
CA TYR B 81 -12.07 -16.92 1.41
C TYR B 81 -11.97 -15.95 2.57
N TYR B 82 -12.52 -16.34 3.72
CA TYR B 82 -12.35 -15.52 4.92
C TYR B 82 -10.89 -15.34 5.29
N TRP B 83 -10.12 -16.44 5.33
CA TRP B 83 -8.72 -16.37 5.71
C TRP B 83 -7.88 -15.62 4.70
N VAL B 84 -8.10 -15.91 3.40
CA VAL B 84 -7.28 -15.25 2.38
C VAL B 84 -7.58 -13.76 2.35
N SER B 85 -8.86 -13.40 2.51
CA SER B 85 -9.28 -12.01 2.53
C SER B 85 -8.70 -11.28 3.73
N MSE B 86 -8.69 -11.92 4.90
CA MSE B 86 -8.05 -11.31 6.06
C MSE B 86 -6.57 -11.05 5.83
O MSE B 86 -6.07 -9.97 6.15
CB MSE B 86 -8.26 -12.21 7.31
CG MSE B 86 -7.33 -11.80 8.45
SE MSE B 86 -7.46 -13.09 9.88
CE MSE B 86 -8.96 -12.18 10.45
H MSE B 86 -9.04 -12.70 5.04
HA MSE B 86 -8.47 -10.46 6.24
HB2 MSE B 86 -9.17 -12.13 7.62
HB3 MSE B 86 -8.07 -13.14 7.08
HG2 MSE B 86 -6.41 -11.78 8.13
HG3 MSE B 86 -7.59 -10.93 8.78
HE1 MSE B 86 -9.36 -12.67 11.18
HE2 MSE B 86 -8.70 -11.30 10.74
HE3 MSE B 86 -9.59 -12.11 9.70
N ARG B 87 -5.84 -12.05 5.29
CA ARG B 87 -4.43 -11.86 5.03
C ARG B 87 -4.20 -10.80 3.95
N LYS B 88 -5.03 -10.82 2.88
CA LYS B 88 -4.86 -9.79 1.85
C LYS B 88 -5.13 -8.38 2.36
N GLU B 89 -6.06 -8.25 3.31
CA GLU B 89 -6.33 -6.94 3.89
C GLU B 89 -5.10 -6.39 4.61
N THR B 90 -4.45 -7.24 5.39
CA THR B 90 -3.25 -6.83 6.09
C THR B 90 -2.11 -6.54 5.14
N ILE B 91 -1.95 -7.39 4.13
CA ILE B 91 -0.84 -7.19 3.19
C ILE B 91 -1.07 -5.94 2.35
N ALA B 92 -2.32 -5.70 1.92
CA ALA B 92 -2.60 -4.55 1.08
C ALA B 92 -2.39 -3.23 1.81
N SER B 93 -2.41 -3.24 3.13
CA SER B 93 -2.19 -2.04 3.92
C SER B 93 -0.87 -2.12 4.70
N ALA B 94 0.06 -2.95 4.26
CA ALA B 94 1.21 -3.30 5.08
C ALA B 94 2.33 -2.27 4.95
N ASN B 95 2.99 -1.96 6.10
CA ASN B 95 4.29 -1.30 6.10
C ASN B 95 5.39 -2.35 5.89
N LEU B 96 6.64 -1.93 5.88
CA LEU B 96 7.68 -2.86 5.56
C LEU B 96 7.92 -3.89 6.68
N CYS B 97 7.72 -3.53 7.96
CA CYS B 97 7.75 -4.52 9.04
C CYS B 97 6.80 -5.70 8.75
N THR B 98 5.57 -5.35 8.40
CA THR B 98 4.54 -6.37 8.13
C THR B 98 4.90 -7.21 6.92
N VAL B 99 5.33 -6.57 5.83
CA VAL B 99 5.75 -7.30 4.63
C VAL B 99 6.84 -8.31 4.98
N ALA B 100 7.86 -7.86 5.73
CA ALA B 100 8.96 -8.75 6.10
C ALA B 100 8.50 -9.96 6.90
N ALA B 101 7.61 -9.75 7.89
CA ALA B 101 7.08 -10.87 8.69
C ALA B 101 6.35 -11.88 7.83
N PHE B 102 5.46 -11.42 6.96
CA PHE B 102 4.71 -12.30 6.09
C PHE B 102 5.61 -13.03 5.12
N LEU B 103 6.66 -12.36 4.61
N LEU B 103 6.68 -12.37 4.64
CA LEU B 103 7.55 -13.04 3.68
CA LEU B 103 7.55 -13.04 3.68
C LEU B 103 8.32 -14.18 4.36
C LEU B 103 8.36 -14.16 4.35
N ASP B 104 8.90 -13.94 5.54
CA ASP B 104 9.59 -15.02 6.25
C ASP B 104 8.62 -16.18 6.55
N GLU B 105 7.39 -15.87 6.98
CA GLU B 105 6.40 -16.94 7.18
C GLU B 105 6.15 -17.75 5.90
N SER B 106 5.98 -17.07 4.77
N SER B 106 5.93 -17.05 4.78
CA SER B 106 5.61 -17.78 3.55
CA SER B 106 5.64 -17.70 3.51
C SER B 106 6.77 -18.59 2.99
C SER B 106 6.77 -18.61 3.08
N LEU B 107 8.01 -18.11 3.13
CA LEU B 107 9.16 -18.87 2.67
C LEU B 107 9.43 -20.08 3.54
N CYS B 108 9.29 -19.93 4.87
CA CYS B 108 9.44 -21.11 5.73
C CYS B 108 8.37 -22.15 5.44
N TRP B 109 7.15 -21.69 5.18
CA TRP B 109 6.05 -22.59 4.82
C TRP B 109 6.32 -23.31 3.51
N GLY B 110 6.76 -22.56 2.49
CA GLY B 110 7.14 -23.17 1.25
C GLY B 110 8.25 -24.18 1.38
N GLN B 111 9.22 -23.94 2.25
CA GLN B 111 10.26 -24.93 2.46
C GLN B 111 9.71 -26.23 3.06
N GLN B 112 8.66 -26.15 3.89
CA GLN B 112 8.01 -27.36 4.37
C GLN B 112 7.35 -28.14 3.23
N TYR B 113 6.77 -27.46 2.26
CA TYR B 113 6.28 -28.15 1.07
C TYR B 113 7.41 -28.90 0.39
N LEU B 114 8.56 -28.24 0.24
CA LEU B 114 9.71 -28.81 -0.46
C LEU B 114 10.25 -30.01 0.32
N LYS B 115 10.29 -29.88 1.65
CA LYS B 115 10.78 -30.96 2.49
C LYS B 115 9.87 -32.16 2.45
N ASN B 116 8.59 -31.98 2.21
CA ASN B 116 7.65 -33.09 2.13
C ASN B 116 7.30 -33.51 0.68
N ASP B 117 7.98 -32.96 -0.32
CA ASP B 117 7.75 -33.24 -1.74
C ASP B 117 6.35 -32.87 -2.23
N PHE B 118 5.73 -31.87 -1.64
CA PHE B 118 4.46 -31.37 -2.14
C PHE B 118 4.71 -30.46 -3.32
N ILE B 119 3.86 -30.54 -4.33
CA ILE B 119 4.02 -29.66 -5.48
C ILE B 119 3.33 -28.33 -5.20
N PHE B 120 3.76 -27.31 -5.93
CA PHE B 120 3.25 -25.94 -5.87
C PHE B 120 2.31 -25.77 -7.05
N SER B 121 1.11 -25.33 -6.79
CA SER B 121 0.17 -25.24 -7.91
C SER B 121 -1.03 -24.44 -7.43
N GLU B 122 -1.47 -23.48 -8.26
CA GLU B 122 -2.52 -22.55 -7.86
C GLU B 122 -3.87 -23.22 -7.70
N ASN B 123 -4.00 -24.48 -8.13
CA ASN B 123 -5.24 -25.23 -7.93
C ASN B 123 -5.45 -25.56 -6.45
N GLY B 124 -4.62 -26.44 -5.88
CA GLY B 124 -4.72 -26.77 -4.46
C GLY B 124 -4.74 -25.49 -3.65
N LYS B 125 -5.54 -25.43 -2.60
CA LYS B 125 -5.76 -24.18 -1.88
C LYS B 125 -4.87 -24.18 -0.64
N ASP B 126 -4.17 -23.09 -0.42
CA ASP B 126 -3.28 -22.91 0.70
C ASP B 126 -3.34 -21.42 1.04
N ILE B 127 -3.86 -21.08 2.24
CA ILE B 127 -4.10 -19.66 2.53
C ILE B 127 -2.83 -18.87 2.69
N ILE B 128 -1.70 -19.53 2.98
CA ILE B 128 -0.42 -18.82 3.06
C ILE B 128 0.18 -18.63 1.68
N LEU B 129 0.25 -19.69 0.89
CA LEU B 129 0.87 -19.58 -0.44
C LEU B 129 0.02 -18.74 -1.39
N ASP B 130 -1.31 -18.76 -1.22
CA ASP B 130 -2.16 -18.05 -2.16
C ASP B 130 -2.20 -16.52 -1.94
N THR B 131 -1.51 -15.99 -0.93
CA THR B 131 -1.29 -14.57 -0.81
C THR B 131 0.13 -14.15 -1.17
N SER B 132 0.95 -15.06 -1.71
CA SER B 132 2.38 -14.72 -1.97
C SER B 132 2.52 -13.74 -3.13
N SER B 133 1.61 -13.75 -4.10
CA SER B 133 1.68 -12.74 -5.16
C SER B 133 1.36 -11.34 -4.65
N ALA B 134 0.34 -11.20 -3.81
CA ALA B 134 0.05 -9.90 -3.22
C ALA B 134 1.23 -9.40 -2.39
N LEU B 135 1.91 -10.30 -1.70
CA LEU B 135 3.06 -9.95 -0.90
C LEU B 135 4.24 -9.47 -1.74
N LEU B 136 4.51 -10.14 -2.87
CA LEU B 136 5.52 -9.65 -3.81
C LEU B 136 5.21 -8.23 -4.28
N SER B 137 3.98 -7.98 -4.71
CA SER B 137 3.61 -6.64 -5.15
C SER B 137 3.80 -5.59 -4.06
N GLN B 138 3.45 -5.93 -2.82
CA GLN B 138 3.63 -5.00 -1.70
C GLN B 138 5.09 -4.75 -1.41
N LEU B 139 5.95 -5.78 -1.47
CA LEU B 139 7.39 -5.56 -1.29
C LEU B 139 7.92 -4.61 -2.34
N VAL B 140 7.55 -4.83 -3.61
CA VAL B 140 8.01 -3.93 -4.68
C VAL B 140 7.58 -2.51 -4.42
N HIS B 141 6.34 -2.33 -3.95
CA HIS B 141 5.84 -0.99 -3.65
C HIS B 141 6.66 -0.35 -2.53
N LYS B 142 7.00 -1.10 -1.48
CA LYS B 142 7.84 -0.51 -0.44
C LYS B 142 9.22 -0.15 -0.96
N ILE B 143 9.84 -1.03 -1.75
CA ILE B 143 11.17 -0.73 -2.28
C ILE B 143 11.15 0.53 -3.15
N LYS B 144 10.12 0.69 -3.97
CA LYS B 144 9.99 1.87 -4.79
C LYS B 144 9.81 3.13 -3.97
N MSE B 145 9.25 3.03 -2.78
CA MSE B 145 9.08 4.22 -1.96
C MSE B 145 10.35 4.63 -1.21
O MSE B 145 10.49 5.76 -0.76
CB MSE B 145 8.01 3.99 -0.89
CG MSE B 145 6.63 3.84 -1.39
SE MSE B 145 5.70 3.30 0.30
CE MSE B 145 4.19 3.07 -0.64
H MSE B 145 8.95 2.31 -2.43
HA MSE B 145 8.82 4.93 -2.57
HB2 MSE B 145 8.23 3.18 -0.42
HB3 MSE B 145 8.02 4.74 -0.29
HG2 MSE B 145 6.28 4.67 -1.73
HG3 MSE B 145 6.56 3.14 -2.06
HE1 MSE B 145 3.56 2.56 -0.10
HE2 MSE B 145 3.81 3.94 -0.86
HE3 MSE B 145 4.38 2.59 -1.46
N LEU B 146 11.27 3.71 -1.02
CA LEU B 146 12.50 4.04 -0.27
C LEU B 146 13.34 5.06 -1.03
N PRO B 147 13.97 6.01 -0.33
CA PRO B 147 14.95 6.88 -1.00
C PRO B 147 15.98 6.00 -1.70
N PHE B 148 16.47 6.45 -2.86
CA PHE B 148 17.22 5.51 -3.68
C PHE B 148 18.65 5.32 -3.16
N CYS B 149 19.12 6.14 -2.22
CA CYS B 149 20.37 5.83 -1.51
C CYS B 149 20.35 4.45 -0.83
N HIS B 150 19.17 3.91 -0.50
CA HIS B 150 19.15 2.59 0.13
C HIS B 150 19.69 1.54 -0.84
N CYS B 151 19.40 1.69 -2.12
N CYS B 151 19.38 1.68 -2.13
CA CYS B 151 19.91 0.72 -3.09
CA CYS B 151 19.90 0.77 -3.12
C CYS B 151 21.30 1.10 -3.56
C CYS B 151 21.34 1.12 -3.48
N LEU B 152 21.59 2.40 -3.70
CA LEU B 152 22.88 2.83 -4.23
C LEU B 152 24.01 2.66 -3.23
N MSE B 153 23.72 2.63 -1.93
CA MSE B 153 24.81 2.56 -0.94
C MSE B 153 25.11 1.13 -0.53
O MSE B 153 25.63 0.89 0.54
CB MSE B 153 24.48 3.43 0.27
CG MSE B 153 24.54 4.94 -0.05
SE MSE B 153 24.22 6.09 1.56
CE MSE B 153 26.09 6.43 2.01
H MSE B 153 22.93 2.66 -1.60
HA MSE B 153 25.62 2.92 -1.36
HB2 MSE B 153 23.58 3.22 0.57
HB3 MSE B 153 25.11 3.24 0.99
HG2 MSE B 153 25.44 5.16 -0.40
HG3 MSE B 153 23.87 5.16 -0.72
HE1 MSE B 153 26.13 6.99 2.81
HE2 MSE B 153 26.54 5.59 2.17
HE3 MSE B 153 26.52 6.90 1.26
N GLN B 154 24.78 0.17 -1.37
CA GLN B 154 25.25 -1.19 -1.16
C GLN B 154 26.60 -1.37 -1.84
N THR B 155 27.32 -2.43 -1.44
CA THR B 155 28.64 -2.71 -2.02
C THR B 155 28.54 -2.88 -3.53
N THR B 156 27.56 -3.65 -4.00
CA THR B 156 27.38 -3.88 -5.43
C THR B 156 25.90 -3.61 -5.63
N PRO B 157 25.51 -2.38 -5.93
CA PRO B 157 24.08 -2.04 -5.89
C PRO B 157 23.23 -2.85 -6.88
N GLN B 158 23.76 -3.14 -8.06
CA GLN B 158 22.96 -3.77 -9.11
C GLN B 158 21.67 -2.96 -9.31
N ASP B 159 21.80 -1.64 -9.40
CA ASP B 159 20.58 -0.84 -9.41
C ASP B 159 19.76 -1.08 -10.68
N HIS B 160 20.39 -1.44 -11.79
CA HIS B 160 19.59 -1.72 -12.98
C HIS B 160 18.69 -2.94 -12.78
N ILE B 161 19.13 -3.92 -11.98
CA ILE B 161 18.30 -5.09 -11.70
C ILE B 161 17.13 -4.71 -10.81
N VAL B 162 17.40 -3.99 -9.74
CA VAL B 162 16.33 -3.55 -8.86
C VAL B 162 15.29 -2.77 -9.65
N LYS B 163 15.74 -1.86 -10.50
CA LYS B 163 14.78 -1.05 -11.24
C LYS B 163 13.94 -1.88 -12.19
N GLN B 164 14.57 -2.79 -12.93
CA GLN B 164 13.84 -3.56 -13.93
C GLN B 164 12.89 -4.56 -13.29
N VAL B 165 13.31 -5.24 -12.22
CA VAL B 165 12.39 -6.15 -11.53
C VAL B 165 11.21 -5.39 -10.96
N CYS B 166 11.47 -4.25 -10.33
CA CYS B 166 10.37 -3.46 -9.81
C CYS B 166 9.43 -3.00 -10.93
N TYR B 167 10.00 -2.59 -12.06
CA TYR B 167 9.19 -2.17 -13.21
C TYR B 167 8.31 -3.31 -13.69
N LEU B 168 8.87 -4.50 -13.85
CA LEU B 168 8.11 -5.62 -14.37
C LEU B 168 6.91 -5.93 -13.49
N ILE B 169 7.10 -5.90 -12.16
CA ILE B 169 6.03 -6.24 -11.22
C ILE B 169 5.04 -5.09 -11.09
N ALA B 170 5.53 -3.87 -10.90
CA ALA B 170 4.64 -2.72 -10.66
C ALA B 170 3.82 -2.38 -11.90
N SER B 171 4.39 -2.51 -13.10
CA SER B 171 3.70 -2.07 -14.30
C SER B 171 2.58 -3.04 -14.71
N ASN B 172 2.85 -4.37 -14.68
CA ASN B 172 1.91 -5.33 -15.25
C ASN B 172 2.00 -6.70 -14.59
N ASN B 173 2.53 -6.80 -13.39
CA ASN B 173 2.61 -8.03 -12.61
C ASN B 173 3.25 -9.16 -13.41
N ARG B 174 4.38 -8.83 -14.04
CA ARG B 174 5.03 -9.75 -15.00
C ARG B 174 6.02 -10.64 -14.22
N ILE B 175 5.43 -11.56 -13.46
CA ILE B 175 6.18 -12.35 -12.49
C ILE B 175 7.19 -13.26 -13.18
N LEU B 176 6.75 -14.03 -14.19
CA LEU B 176 7.70 -14.94 -14.84
C LEU B 176 8.78 -14.16 -15.58
N ASP B 177 8.46 -13.00 -16.16
CA ASP B 177 9.51 -12.21 -16.78
C ASP B 177 10.52 -11.73 -15.75
N ALA B 178 10.08 -11.45 -14.52
CA ALA B 178 11.01 -11.05 -13.48
C ALA B 178 11.99 -12.18 -13.14
N VAL B 179 11.50 -13.43 -13.08
CA VAL B 179 12.38 -14.60 -12.90
C VAL B 179 13.35 -14.74 -14.04
N ARG B 180 12.86 -14.63 -15.29
CA ARG B 180 13.77 -14.72 -16.42
C ARG B 180 14.86 -13.69 -16.30
N TYR B 181 14.51 -12.48 -15.89
CA TYR B 181 15.49 -11.42 -15.79
C TYR B 181 16.49 -11.70 -14.67
N LEU B 182 16.00 -12.16 -13.51
CA LEU B 182 16.89 -12.43 -12.39
C LEU B 182 17.85 -13.57 -12.67
N GLN B 183 17.47 -14.53 -13.50
CA GLN B 183 18.39 -15.65 -13.67
C GLN B 183 19.57 -15.32 -14.58
N THR B 184 19.61 -14.15 -15.22
CA THR B 184 20.75 -13.83 -16.06
C THR B 184 21.96 -13.30 -15.27
N SER B 185 21.89 -13.19 -13.95
CA SER B 185 22.99 -12.59 -13.20
C SER B 185 23.16 -13.24 -11.85
N VAL B 186 24.42 -13.32 -11.38
CA VAL B 186 24.68 -13.63 -9.98
C VAL B 186 24.12 -12.49 -9.12
N ILE B 187 23.43 -12.84 -8.05
CA ILE B 187 22.86 -11.84 -7.15
C ILE B 187 23.97 -11.35 -6.21
N LYS B 188 24.14 -10.03 -6.13
CA LYS B 188 25.25 -9.44 -5.38
C LYS B 188 24.81 -8.32 -4.44
N SER B 189 23.54 -8.01 -4.40
CA SER B 189 22.92 -6.99 -3.57
C SER B 189 21.88 -7.66 -2.67
N PRO B 190 21.83 -7.27 -1.40
CA PRO B 190 20.75 -7.81 -0.54
C PRO B 190 19.36 -7.37 -0.94
N ILE B 191 19.19 -6.23 -1.60
CA ILE B 191 17.89 -5.85 -2.10
C ILE B 191 17.45 -6.78 -3.25
N VAL B 192 18.36 -7.09 -4.18
CA VAL B 192 18.05 -8.06 -5.21
C VAL B 192 17.73 -9.43 -4.60
N LEU B 193 18.46 -9.84 -3.57
CA LEU B 193 18.15 -11.10 -2.95
C LEU B 193 16.76 -11.11 -2.33
N LEU B 194 16.34 -10.03 -1.69
CA LEU B 194 14.98 -9.94 -1.17
C LEU B 194 13.95 -10.10 -2.28
N LEU B 195 14.18 -9.44 -3.43
CA LEU B 195 13.30 -9.60 -4.58
C LEU B 195 13.25 -11.04 -5.07
N ALA B 196 14.41 -11.71 -5.14
CA ALA B 196 14.44 -13.09 -5.57
C ALA B 196 13.67 -13.98 -4.63
N TYR B 197 13.84 -13.79 -3.32
CA TYR B 197 13.09 -14.58 -2.36
C TYR B 197 11.60 -14.31 -2.51
N ALA B 198 11.21 -13.05 -2.78
CA ALA B 198 9.79 -12.72 -2.84
C ALA B 198 9.16 -13.25 -4.10
N VAL B 199 9.93 -13.38 -5.17
CA VAL B 199 9.34 -13.81 -6.42
C VAL B 199 9.24 -15.32 -6.52
N CYS B 200 10.03 -16.10 -5.74
CA CYS B 200 10.18 -17.52 -6.06
C CYS B 200 8.89 -18.30 -5.87
N LEU B 201 8.12 -18.03 -4.80
CA LEU B 201 6.90 -18.84 -4.66
C LEU B 201 5.78 -18.42 -5.60
N PRO B 202 5.49 -17.12 -5.77
CA PRO B 202 4.46 -16.73 -6.76
C PRO B 202 4.76 -17.21 -8.16
N ALA B 203 6.04 -17.23 -8.55
CA ALA B 203 6.40 -17.77 -9.85
C ALA B 203 6.21 -19.29 -9.93
N ALA B 204 6.71 -20.01 -8.93
CA ALA B 204 6.60 -21.47 -8.93
C ALA B 204 5.16 -21.92 -9.05
N ILE B 205 4.24 -21.21 -8.39
CA ILE B 205 2.85 -21.61 -8.36
C ILE B 205 2.21 -21.44 -9.73
N ILE B 206 2.68 -20.51 -10.56
CA ILE B 206 2.06 -20.33 -11.88
C ILE B 206 2.84 -20.96 -13.04
N CYS B 207 3.99 -21.59 -12.79
CA CYS B 207 4.72 -22.24 -13.87
C CYS B 207 3.92 -23.41 -14.43
N THR B 208 3.97 -23.59 -15.72
CA THR B 208 3.41 -24.77 -16.35
C THR B 208 4.55 -25.70 -16.76
N LYS B 209 4.20 -26.79 -17.44
CA LYS B 209 5.22 -27.72 -17.86
C LYS B 209 6.20 -27.08 -18.84
N ASN B 210 5.72 -26.15 -19.67
CA ASN B 210 6.62 -25.43 -20.57
C ASN B 210 7.60 -24.49 -19.85
N GLU B 211 7.37 -24.18 -18.57
CA GLU B 211 8.27 -23.29 -17.82
C GLU B 211 9.08 -24.06 -16.78
N THR B 212 9.40 -25.32 -17.09
CA THR B 212 10.13 -26.19 -16.15
C THR B 212 11.47 -25.59 -15.75
N GLN B 213 12.19 -24.97 -16.68
CA GLN B 213 13.47 -24.33 -16.36
C GLN B 213 13.31 -23.17 -15.36
N LEU B 214 12.28 -22.31 -15.53
CA LEU B 214 12.05 -21.26 -14.53
C LEU B 214 11.71 -21.86 -13.19
N TYR B 215 10.88 -22.91 -13.21
CA TYR B 215 10.49 -23.53 -11.95
C TYR B 215 11.71 -24.04 -11.19
N SER B 216 12.65 -24.66 -11.92
CA SER B 216 13.86 -25.16 -11.29
C SER B 216 14.67 -24.04 -10.67
N HIS B 217 14.74 -22.87 -11.32
CA HIS B 217 15.40 -21.73 -10.70
C HIS B 217 14.70 -21.26 -9.43
N CYS B 218 13.36 -21.20 -9.42
CA CYS B 218 12.64 -20.85 -8.19
C CYS B 218 12.95 -21.83 -7.08
N MSE B 219 13.06 -23.11 -7.39
CA MSE B 219 13.36 -24.11 -6.36
C MSE B 219 14.78 -23.91 -5.81
O MSE B 219 15.01 -24.21 -4.62
CB MSE B 219 13.24 -25.55 -6.93
CG MSE B 219 11.82 -25.95 -7.23
SE MSE B 219 10.54 -25.76 -5.80
CE MSE B 219 9.91 -23.94 -6.09
H MSE B 219 12.95 -23.43 -8.18
HA MSE B 219 12.71 -24.00 -5.64
HB2 MSE B 219 13.75 -25.60 -7.75
HB3 MSE B 219 13.59 -26.16 -6.27
HG2 MSE B 219 11.50 -25.42 -7.97
HG3 MSE B 219 11.83 -26.90 -7.48
HE1 MSE B 219 9.25 -23.72 -5.41
HE2 MSE B 219 10.66 -23.32 -6.02
HE3 MSE B 219 9.51 -23.87 -6.97
N ARG B 220 15.73 -23.47 -6.66
CA ARG B 220 17.07 -23.18 -6.18
C ARG B 220 17.03 -22.07 -5.15
N ILE B 221 16.27 -21.01 -5.45
CA ILE B 221 16.16 -19.88 -4.52
C ILE B 221 15.54 -20.32 -3.21
N LEU B 222 14.44 -21.07 -3.29
CA LEU B 222 13.74 -21.52 -2.10
C LEU B 222 14.63 -22.39 -1.23
N LYS B 223 15.41 -23.26 -1.84
CA LYS B 223 16.28 -24.15 -1.07
C LYS B 223 17.39 -23.37 -0.36
N GLU B 224 17.88 -22.28 -0.95
CA GLU B 224 18.98 -21.50 -0.34
C GLU B 224 18.49 -20.56 0.78
N TYR B 225 17.21 -20.25 0.82
CA TYR B 225 16.67 -19.44 1.90
C TYR B 225 16.92 -20.14 3.24
N ARG B 226 17.20 -19.35 4.27
CA ARG B 226 17.19 -19.84 5.62
C ARG B 226 16.22 -19.06 6.51
N PRO B 227 15.50 -19.74 7.40
CA PRO B 227 14.49 -19.06 8.23
C PRO B 227 15.01 -17.79 8.85
N GLY B 228 14.21 -16.73 8.70
CA GLY B 228 14.50 -15.44 9.28
C GLY B 228 15.31 -14.52 8.34
N ASP B 229 15.70 -15.00 7.15
CA ASP B 229 16.61 -14.22 6.29
C ASP B 229 16.02 -12.84 5.95
N VAL B 230 14.71 -12.73 5.71
CA VAL B 230 14.15 -11.46 5.26
C VAL B 230 14.27 -10.43 6.39
N MSE B 231 13.80 -10.75 7.58
CA MSE B 231 14.02 -9.85 8.68
C MSE B 231 15.50 -9.58 8.93
O MSE B 231 15.85 -8.44 9.28
CB MSE B 231 13.37 -10.39 9.99
CG MSE B 231 11.86 -10.34 10.01
SE MSE B 231 11.22 -8.54 10.21
CE MSE B 231 11.87 -8.19 12.06
H MSE B 231 13.36 -11.47 7.76
HA MSE B 231 13.61 -9.01 8.44
HB2 MSE B 231 13.64 -11.32 10.10
HB3 MSE B 231 13.70 -9.87 10.73
HG2 MSE B 231 11.51 -10.70 9.18
HG3 MSE B 231 11.53 -10.87 10.75
HE1 MSE B 231 11.57 -7.32 12.34
HE2 MSE B 231 11.50 -8.87 12.67
HE3 MSE B 231 12.83 -8.23 12.08
N ASN B 232 16.36 -10.60 8.85
CA ASN B 232 17.78 -10.39 9.11
C ASN B 232 18.41 -9.43 8.09
N ILE B 233 18.09 -9.64 6.82
CA ILE B 233 18.63 -8.78 5.76
C ILE B 233 18.19 -7.33 5.95
N LEU B 234 16.91 -7.11 6.25
CA LEU B 234 16.42 -5.74 6.42
C LEU B 234 16.96 -5.11 7.68
N HIS B 235 17.02 -5.87 8.76
CA HIS B 235 17.54 -5.32 10.00
C HIS B 235 18.97 -4.84 9.80
N GLU B 236 19.80 -5.60 9.11
CA GLU B 236 21.17 -5.22 8.91
C GLU B 236 21.27 -4.02 7.97
N SER B 237 20.55 -4.10 6.84
CA SER B 237 20.63 -3.04 5.86
C SER B 237 20.15 -1.70 6.43
N LEU B 238 19.04 -1.70 7.18
CA LEU B 238 18.53 -0.47 7.73
C LEU B 238 19.46 0.11 8.79
N THR B 239 20.13 -0.74 9.60
CA THR B 239 21.06 -0.21 10.59
C THR B 239 22.27 0.40 9.94
N GLN B 240 22.84 -0.32 8.95
CA GLN B 240 24.01 0.20 8.25
C GLN B 240 23.67 1.53 7.58
N HIS B 241 22.47 1.61 6.99
CA HIS B 241 22.08 2.85 6.32
C HIS B 241 22.07 4.03 7.27
N LEU B 242 21.50 3.85 8.49
CA LEU B 242 21.48 4.92 9.50
C LEU B 242 22.88 5.33 9.91
N ASN B 243 23.84 4.42 9.81
CA ASN B 243 25.19 4.71 10.20
C ASN B 243 26.04 5.34 9.11
N LYS B 244 25.52 5.45 7.91
CA LYS B 244 26.33 5.99 6.82
C LYS B 244 25.61 7.03 5.96
N CYS B 245 24.32 7.12 5.98
CA CYS B 245 23.66 8.01 4.99
C CYS B 245 23.76 9.44 5.43
N PRO B 246 24.33 10.35 4.60
CA PRO B 246 24.45 11.75 4.99
C PRO B 246 23.20 12.59 4.83
N SER B 247 22.08 12.06 4.34
CA SER B 247 20.95 12.92 4.02
C SER B 247 20.24 13.36 5.28
N SER B 248 19.79 14.61 5.30
CA SER B 248 19.06 15.10 6.46
C SER B 248 17.64 14.53 6.55
N THR B 249 17.05 14.14 5.42
CA THR B 249 15.64 13.82 5.34
C THR B 249 15.36 12.33 5.08
N CYS B 250 16.37 11.59 4.63
CA CYS B 250 16.17 10.17 4.32
C CYS B 250 15.62 9.44 5.51
N ALA B 251 16.11 9.75 6.73
CA ALA B 251 15.68 8.95 7.87
C ALA B 251 14.18 9.12 8.14
N TYR B 252 13.64 10.33 7.93
CA TYR B 252 12.21 10.58 8.12
C TYR B 252 11.35 9.89 7.04
N THR B 253 11.79 9.92 5.80
CA THR B 253 11.07 9.18 4.75
C THR B 253 11.12 7.69 5.02
N THR B 254 12.31 7.18 5.41
CA THR B 254 12.44 5.75 5.65
C THR B 254 11.60 5.29 6.83
N ARG B 255 11.57 6.05 7.93
CA ARG B 255 10.82 5.58 9.10
C ARG B 255 9.33 5.41 8.77
N ALA B 256 8.80 6.27 7.90
CA ALA B 256 7.40 6.18 7.47
C ALA B 256 7.11 4.92 6.67
N ILE B 257 8.04 4.50 5.82
CA ILE B 257 7.89 3.29 5.02
C ILE B 257 8.05 2.04 5.89
N VAL B 258 9.04 2.07 6.81
CA VAL B 258 9.31 0.90 7.65
C VAL B 258 8.14 0.69 8.61
N GLY B 259 7.67 1.77 9.20
CA GLY B 259 6.57 1.74 10.13
C GLY B 259 7.03 1.50 11.55
N THR B 260 6.10 1.74 12.47
CA THR B 260 6.35 1.61 13.89
C THR B 260 6.34 0.17 14.35
N LYS B 261 5.42 -0.62 13.85
CA LYS B 261 5.39 -2.03 14.20
C LYS B 261 4.64 -2.80 13.14
N ALA B 262 4.82 -4.11 13.13
CA ALA B 262 4.10 -5.00 12.24
C ALA B 262 2.63 -5.14 12.65
N ASN B 263 1.77 -5.39 11.66
CA ASN B 263 0.39 -5.80 11.92
C ASN B 263 0.32 -7.30 11.68
N THR B 264 -0.02 -8.08 12.70
CA THR B 264 0.05 -9.52 12.54
C THR B 264 -1.32 -10.15 12.30
N THR B 265 -2.33 -9.36 11.99
CA THR B 265 -3.65 -9.93 11.64
C THR B 265 -3.51 -10.81 10.41
N GLY B 266 -3.79 -12.08 10.58
CA GLY B 266 -3.69 -13.07 9.54
C GLY B 266 -2.38 -13.79 9.50
N LEU B 267 -1.42 -13.35 10.32
CA LEU B 267 -0.12 -13.99 10.40
C LEU B 267 -0.17 -15.10 11.46
N PHE B 268 0.18 -16.34 11.07
CA PHE B 268 0.18 -17.42 12.07
C PHE B 268 1.45 -17.45 12.92
N PHE B 269 2.62 -17.20 12.32
CA PHE B 269 3.87 -17.26 13.06
C PHE B 269 4.92 -16.40 12.35
N LEU B 270 5.86 -15.92 13.14
CA LEU B 270 7.12 -15.33 12.66
C LEU B 270 8.24 -16.33 12.88
N PRO B 271 8.77 -16.95 11.84
CA PRO B 271 9.78 -18.00 12.02
C PRO B 271 11.15 -17.38 12.19
N THR B 272 11.92 -17.90 13.16
CA THR B 272 13.25 -17.38 13.41
C THR B 272 14.20 -18.57 13.57
N GLN B 273 15.49 -18.27 13.49
CA GLN B 273 16.47 -19.27 13.93
C GLN B 273 16.27 -19.51 15.44
ZN ZN C . -17.51 -7.32 -8.45
C ACT D . 21.29 -18.29 4.29
O ACT D . 21.33 -17.59 5.42
OXT ACT D . 20.44 -18.28 3.28
CH3 ACT D . 22.49 -19.22 4.12
H1 ACT D . 22.88 -19.08 3.25
H2 ACT D . 22.20 -20.14 4.22
H3 ACT D . 23.15 -19.01 4.80
ZN ZN E . 19.61 7.41 2.87
C ACT F . -0.89 -29.74 -4.33
O ACT F . -0.90 -28.61 -4.90
OXT ACT F . -1.78 -30.62 -4.33
CH3 ACT F . 0.41 -30.13 -3.48
H1 ACT F . 0.68 -29.37 -2.95
H2 ACT F . 1.12 -30.37 -4.09
H3 ACT F . 0.20 -30.87 -2.90
#